data_3FR7
#
_entry.id   3FR7
#
_cell.length_a   126.032
_cell.length_b   92.901
_cell.length_c   91.187
_cell.angle_alpha   90.00
_cell.angle_beta   100.58
_cell.angle_gamma   90.00
#
_symmetry.space_group_name_H-M   'C 1 2 1'
#
loop_
_entity.id
_entity.type
_entity.pdbx_description
1 polymer 'Putative ketol-acid reductoisomerase (Os05g0573700 protein)'
2 non-polymer 'MAGNESIUM ION'
3 water water
#
_entity_poly.entity_id   1
_entity_poly.type   'polypeptide(L)'
_entity_poly.pdbx_seq_one_letter_code
;MVAAPPAVGAAMPSLDFDTSVFNKEKVSLAGHEEYIVRGGRNLFPLLPEAFKGIKQIGVIGWGSQGPAQAQNLRDSLAEA
KSDIVVKIGLRKGSKSFDEARAAGFTEESGTLGDIWETVSGSDLVLLLISDAAQADNYEKIFSHMKPNSILGLSHGFLLG
HLQSAGLDFPKNISVIAVCPKGMGPSVRRLYVQGKEINGAGINSSFAVHQDVDGRATDVALGWSVALGSPFTFATTLEQE
YKSDIFGERGILLGAVHGIVEALFRRYTEQGMDEEMAYKNTVEGITGIISKTISKKGMLEVYNSLTEEGKKEFNKAYSAS
FYPCMDILYECYEDVASGSEIRSVVLAGRRFYEKEGLPAFPMGNIDQTRMWKVGEKVRSTRPENDLGPLHPFTAGVYVAL
MMAQIEVLRKKGHSYSEIINESVIESVDSLNPFMHARGVAFMVDNCSTTARLGSRKWAPRFDYILTQQAFVTVDKDAPIN
QDLISNFMSDPVHGAIEVCAELRPTVDISVPANADFVRPELRQSS
;
_entity_poly.pdbx_strand_id   A,B
#
# COMPACT_ATOMS: atom_id res chain seq x y z
N LEU A 15 27.28 -14.92 8.32
CA LEU A 15 26.59 -15.98 7.53
C LEU A 15 27.62 -16.90 6.91
N ASP A 16 27.58 -18.17 7.29
CA ASP A 16 28.52 -19.15 6.79
C ASP A 16 27.81 -20.20 5.95
N PHE A 17 28.61 -20.99 5.23
CA PHE A 17 28.09 -22.14 4.51
C PHE A 17 29.21 -23.17 4.38
N ASP A 18 28.79 -24.42 4.14
CA ASP A 18 29.73 -25.53 4.04
CA ASP A 18 29.72 -25.54 4.05
C ASP A 18 29.68 -26.13 2.64
N THR A 19 30.79 -25.99 1.92
CA THR A 19 30.93 -26.57 0.59
C THR A 19 32.08 -27.57 0.55
N SER A 20 31.81 -28.78 0.07
CA SER A 20 32.84 -29.80 -0.04
CA SER A 20 32.84 -29.80 -0.04
C SER A 20 33.63 -29.66 -1.34
N VAL A 21 33.06 -28.95 -2.32
CA VAL A 21 33.59 -28.90 -3.67
C VAL A 21 34.38 -27.62 -3.99
N PHE A 22 33.87 -26.49 -3.50
CA PHE A 22 34.41 -25.18 -3.87
C PHE A 22 35.23 -24.53 -2.77
N ASN A 23 36.00 -23.53 -3.19
CA ASN A 23 36.88 -22.78 -2.29
CA ASN A 23 36.88 -22.78 -2.31
C ASN A 23 36.24 -21.46 -1.88
N LYS A 24 36.03 -21.30 -0.58
CA LYS A 24 35.42 -20.12 0.01
C LYS A 24 36.50 -19.04 0.19
N GLU A 25 36.25 -17.83 -0.34
CA GLU A 25 37.16 -16.70 -0.12
CA GLU A 25 37.15 -16.68 -0.16
C GLU A 25 36.46 -15.62 0.70
N LYS A 26 37.23 -14.90 1.51
CA LYS A 26 36.70 -13.88 2.40
C LYS A 26 36.79 -12.49 1.78
N VAL A 27 35.78 -11.66 2.06
CA VAL A 27 35.86 -10.24 1.77
CA VAL A 27 35.78 -10.24 1.72
C VAL A 27 35.42 -9.46 2.99
N SER A 28 35.98 -8.27 3.14
CA SER A 28 35.70 -7.41 4.26
C SER A 28 35.13 -6.09 3.73
N LEU A 29 33.95 -5.73 4.23
CA LEU A 29 33.26 -4.50 3.86
C LEU A 29 32.93 -3.75 5.15
N ALA A 30 33.48 -2.54 5.30
CA ALA A 30 33.26 -1.72 6.51
C ALA A 30 33.50 -2.51 7.80
N GLY A 31 34.54 -3.35 7.78
CA GLY A 31 34.92 -4.16 8.94
C GLY A 31 34.13 -5.44 9.12
N HIS A 32 33.22 -5.71 8.18
CA HIS A 32 32.33 -6.86 8.26
C HIS A 32 32.71 -7.92 7.23
N GLU A 33 33.10 -9.09 7.72
CA GLU A 33 33.58 -10.15 6.84
C GLU A 33 32.44 -10.97 6.27
N GLU A 34 32.57 -11.32 4.99
CA GLU A 34 31.63 -12.21 4.33
C GLU A 34 32.43 -13.23 3.52
N TYR A 35 31.78 -14.35 3.20
CA TYR A 35 32.38 -15.36 2.34
C TYR A 35 31.77 -15.25 0.95
N ILE A 36 32.62 -15.43 -0.07
CA ILE A 36 32.19 -15.47 -1.45
C ILE A 36 32.80 -16.71 -2.11
N VAL A 37 32.26 -17.08 -3.28
CA VAL A 37 32.85 -18.11 -4.12
C VAL A 37 33.14 -17.48 -5.47
N ARG A 38 34.42 -17.43 -5.80
CA ARG A 38 34.86 -16.86 -7.04
C ARG A 38 34.49 -17.85 -8.14
N GLY A 39 34.03 -17.36 -9.28
CA GLY A 39 33.72 -18.21 -10.43
C GLY A 39 34.87 -18.29 -11.42
N GLY A 40 34.60 -18.87 -12.58
CA GLY A 40 35.60 -18.99 -13.64
C GLY A 40 35.46 -20.33 -14.34
N ARG A 41 35.79 -20.33 -15.63
CA ARG A 41 35.75 -21.53 -16.44
C ARG A 41 36.67 -22.63 -15.95
N ASN A 42 37.76 -22.25 -15.26
CA ASN A 42 38.67 -23.26 -14.69
C ASN A 42 38.01 -24.11 -13.60
N LEU A 43 36.80 -23.71 -13.20
CA LEU A 43 36.05 -24.44 -12.18
C LEU A 43 35.05 -25.43 -12.76
N PHE A 44 34.84 -25.37 -14.07
CA PHE A 44 33.84 -26.21 -14.71
C PHE A 44 34.08 -27.72 -14.49
N PRO A 45 35.35 -28.18 -14.49
CA PRO A 45 35.64 -29.58 -14.15
C PRO A 45 35.08 -30.05 -12.80
N LEU A 46 34.77 -29.12 -11.90
CA LEU A 46 34.17 -29.42 -10.59
C LEU A 46 32.65 -29.63 -10.62
N LEU A 47 32.03 -29.30 -11.74
CA LEU A 47 30.57 -29.34 -11.81
C LEU A 47 29.96 -30.75 -11.67
N PRO A 48 30.58 -31.78 -12.29
CA PRO A 48 30.09 -33.15 -12.04
C PRO A 48 30.04 -33.51 -10.53
N GLU A 49 31.07 -33.13 -9.78
CA GLU A 49 31.05 -33.33 -8.33
C GLU A 49 29.98 -32.50 -7.63
N ALA A 50 29.86 -31.22 -8.00
CA ALA A 50 28.83 -30.36 -7.41
C ALA A 50 27.42 -30.92 -7.62
N PHE A 51 27.21 -31.49 -8.80
CA PHE A 51 25.90 -31.94 -9.22
C PHE A 51 25.72 -33.45 -9.01
N LYS A 52 26.36 -34.02 -7.99
CA LYS A 52 26.14 -35.43 -7.74
CA LYS A 52 26.16 -35.44 -7.68
C LYS A 52 24.66 -35.67 -7.40
N GLY A 53 24.12 -36.75 -7.93
CA GLY A 53 22.71 -37.08 -7.76
C GLY A 53 21.81 -36.43 -8.80
N ILE A 54 22.40 -35.64 -9.69
CA ILE A 54 21.64 -34.90 -10.73
C ILE A 54 21.88 -35.52 -12.10
N LYS A 55 20.81 -35.98 -12.74
CA LYS A 55 20.87 -36.49 -14.11
C LYS A 55 20.12 -35.58 -15.09
N GLN A 56 19.08 -34.92 -14.59
CA GLN A 56 18.32 -33.96 -15.40
C GLN A 56 18.07 -32.68 -14.62
N ILE A 57 18.35 -31.55 -15.27
CA ILE A 57 17.96 -30.23 -14.75
C ILE A 57 16.79 -29.75 -15.60
N GLY A 58 15.64 -29.56 -14.95
CA GLY A 58 14.47 -29.07 -15.65
C GLY A 58 14.38 -27.57 -15.47
N VAL A 59 14.42 -26.84 -16.58
CA VAL A 59 14.30 -25.40 -16.55
C VAL A 59 12.87 -25.05 -16.97
N ILE A 60 12.11 -24.53 -16.01
CA ILE A 60 10.67 -24.39 -16.16
C ILE A 60 10.40 -22.94 -16.50
N GLY A 61 9.93 -22.72 -17.74
CA GLY A 61 9.62 -21.36 -18.21
C GLY A 61 10.64 -20.82 -19.23
N TRP A 62 10.17 -20.00 -20.15
CA TRP A 62 11.06 -19.38 -21.12
C TRP A 62 11.29 -17.92 -20.65
N GLY A 63 10.52 -16.98 -21.16
CA GLY A 63 10.64 -15.58 -20.71
C GLY A 63 12.06 -15.05 -20.80
N SER A 64 12.49 -14.36 -19.74
CA SER A 64 13.79 -13.67 -19.71
C SER A 64 14.95 -14.57 -19.24
N GLN A 65 14.80 -15.14 -18.04
CA GLN A 65 15.89 -15.90 -17.40
C GLN A 65 16.01 -17.33 -17.91
N GLY A 66 14.87 -17.94 -18.27
CA GLY A 66 14.87 -19.32 -18.81
C GLY A 66 15.89 -19.57 -19.93
N PRO A 67 15.78 -18.83 -21.06
CA PRO A 67 16.73 -19.04 -22.18
C PRO A 67 18.18 -18.83 -21.78
N ALA A 68 18.44 -17.79 -21.00
CA ALA A 68 19.83 -17.45 -20.62
C ALA A 68 20.41 -18.54 -19.73
N GLN A 69 19.66 -18.88 -18.69
CA GLN A 69 20.13 -19.92 -17.76
C GLN A 69 20.24 -21.27 -18.46
N ALA A 70 19.26 -21.64 -19.28
CA ALA A 70 19.33 -22.97 -19.94
C ALA A 70 20.54 -23.06 -20.90
N GLN A 71 20.78 -22.01 -21.67
CA GLN A 71 21.90 -21.98 -22.62
C GLN A 71 23.23 -21.97 -21.89
N ASN A 72 23.32 -21.19 -20.80
CA ASN A 72 24.57 -21.17 -20.03
C ASN A 72 24.88 -22.51 -19.39
N LEU A 73 23.87 -23.09 -18.73
CA LEU A 73 24.02 -24.43 -18.12
C LEU A 73 24.39 -25.49 -19.13
N ARG A 74 23.70 -25.49 -20.28
CA ARG A 74 23.99 -26.43 -21.35
C ARG A 74 25.48 -26.32 -21.75
N ASP A 75 25.92 -25.09 -22.06
CA ASP A 75 27.31 -24.85 -22.50
C ASP A 75 28.30 -25.30 -21.42
N SER A 76 28.04 -24.90 -20.17
CA SER A 76 28.95 -25.23 -19.07
C SER A 76 29.08 -26.74 -18.85
N LEU A 77 27.96 -27.45 -18.90
CA LEU A 77 27.96 -28.90 -18.69
C LEU A 77 28.67 -29.62 -19.83
N ALA A 78 28.52 -29.12 -21.05
CA ALA A 78 29.27 -29.66 -22.21
C ALA A 78 30.77 -29.45 -21.99
N GLU A 79 31.15 -28.23 -21.59
CA GLU A 79 32.55 -27.91 -21.30
C GLU A 79 33.14 -28.80 -20.19
N ALA A 80 32.28 -29.14 -19.24
CA ALA A 80 32.64 -30.00 -18.11
C ALA A 80 32.63 -31.50 -18.45
N LYS A 81 32.25 -31.85 -19.67
CA LYS A 81 32.12 -33.26 -20.10
C LYS A 81 31.12 -34.04 -19.24
N SER A 82 30.08 -33.32 -18.80
CA SER A 82 28.98 -33.90 -18.03
C SER A 82 27.88 -34.46 -18.93
N ASP A 83 27.27 -35.54 -18.47
CA ASP A 83 26.17 -36.19 -19.18
CA ASP A 83 26.17 -36.16 -19.20
C ASP A 83 24.79 -35.66 -18.74
N ILE A 84 24.79 -34.70 -17.82
CA ILE A 84 23.54 -34.10 -17.33
C ILE A 84 22.77 -33.41 -18.47
N VAL A 85 21.47 -33.67 -18.49
CA VAL A 85 20.55 -33.17 -19.52
C VAL A 85 19.86 -31.92 -18.99
N VAL A 86 19.91 -30.86 -19.78
CA VAL A 86 19.17 -29.63 -19.50
C VAL A 86 17.92 -29.68 -20.36
N LYS A 87 16.75 -29.70 -19.70
CA LYS A 87 15.48 -29.87 -20.39
C LYS A 87 14.54 -28.72 -20.05
N ILE A 88 14.06 -28.03 -21.07
CA ILE A 88 13.12 -26.93 -20.87
C ILE A 88 11.70 -27.48 -20.73
N GLY A 89 10.97 -27.00 -19.73
CA GLY A 89 9.58 -27.41 -19.52
C GLY A 89 8.70 -26.20 -19.69
N LEU A 90 7.71 -26.32 -20.59
CA LEU A 90 6.81 -25.20 -20.88
C LEU A 90 5.35 -25.56 -20.66
N ARG A 91 4.58 -24.59 -20.18
CA ARG A 91 3.14 -24.76 -20.04
C ARG A 91 2.49 -24.91 -21.40
N LYS A 92 1.35 -25.59 -21.43
CA LYS A 92 0.69 -25.91 -22.70
CA LYS A 92 0.65 -25.90 -22.68
C LYS A 92 0.36 -24.65 -23.51
N GLY A 93 0.04 -23.55 -22.82
CA GLY A 93 -0.30 -22.29 -23.50
C GLY A 93 0.87 -21.45 -23.97
N SER A 94 2.09 -21.93 -23.73
CA SER A 94 3.29 -21.16 -24.04
C SER A 94 3.41 -20.89 -25.53
N LYS A 95 3.82 -19.67 -25.85
CA LYS A 95 4.06 -19.22 -27.22
CA LYS A 95 4.05 -19.33 -27.26
C LYS A 95 5.55 -19.35 -27.56
N SER A 96 6.29 -20.08 -26.73
CA SER A 96 7.76 -20.11 -26.82
C SER A 96 8.35 -21.44 -27.29
N PHE A 97 7.49 -22.39 -27.67
CA PHE A 97 7.99 -23.69 -28.17
C PHE A 97 8.93 -23.55 -29.36
N ASP A 98 8.55 -22.77 -30.36
CA ASP A 98 9.35 -22.66 -31.58
C ASP A 98 10.70 -21.98 -31.30
N GLU A 99 10.68 -20.98 -30.42
CA GLU A 99 11.90 -20.31 -30.01
C GLU A 99 12.82 -21.26 -29.27
N ALA A 100 12.27 -22.03 -28.34
CA ALA A 100 13.06 -23.04 -27.62
C ALA A 100 13.71 -24.03 -28.61
N ARG A 101 12.90 -24.52 -29.54
CA ARG A 101 13.40 -25.49 -30.52
C ARG A 101 14.52 -24.85 -31.37
N ALA A 102 14.35 -23.57 -31.74
CA ALA A 102 15.35 -22.85 -32.56
C ALA A 102 16.72 -22.74 -31.86
N ALA A 103 16.66 -22.76 -30.53
CA ALA A 103 17.85 -22.70 -29.67
C ALA A 103 18.39 -24.10 -29.32
N GLY A 104 17.82 -25.12 -29.94
CA GLY A 104 18.32 -26.48 -29.82
C GLY A 104 17.70 -27.31 -28.71
N PHE A 105 16.67 -26.76 -28.05
CA PHE A 105 15.91 -27.49 -27.02
C PHE A 105 14.73 -28.10 -27.71
N THR A 106 14.76 -29.42 -27.90
CA THR A 106 13.75 -30.11 -28.70
C THR A 106 13.27 -31.42 -28.07
N GLU A 107 12.07 -31.83 -28.43
CA GLU A 107 11.49 -33.09 -27.95
C GLU A 107 12.35 -34.24 -28.45
N GLU A 108 12.77 -34.14 -29.71
CA GLU A 108 13.58 -35.15 -30.40
C GLU A 108 14.89 -35.48 -29.67
N SER A 109 15.50 -34.45 -29.06
CA SER A 109 16.75 -34.61 -28.34
C SER A 109 16.56 -34.79 -26.82
N GLY A 110 15.30 -34.85 -26.38
CA GLY A 110 14.98 -35.00 -24.96
C GLY A 110 15.20 -33.74 -24.15
N THR A 111 15.25 -32.58 -24.81
CA THR A 111 15.62 -31.33 -24.13
C THR A 111 14.50 -30.27 -24.06
N LEU A 112 13.29 -30.66 -24.47
CA LEU A 112 12.10 -29.81 -24.32
C LEU A 112 10.87 -30.69 -24.06
N GLY A 113 9.99 -30.23 -23.18
CA GLY A 113 8.78 -31.00 -22.90
C GLY A 113 7.72 -30.17 -22.22
N ASP A 114 6.60 -30.82 -21.93
CA ASP A 114 5.55 -30.20 -21.14
C ASP A 114 6.06 -29.99 -19.72
N ILE A 115 5.60 -28.90 -19.11
CA ILE A 115 6.03 -28.53 -17.76
C ILE A 115 5.97 -29.72 -16.78
N TRP A 116 4.83 -30.41 -16.76
CA TRP A 116 4.59 -31.42 -15.71
C TRP A 116 5.50 -32.64 -15.89
N GLU A 117 5.56 -33.16 -17.12
CA GLU A 117 6.48 -34.25 -17.50
CA GLU A 117 6.45 -34.29 -17.34
C GLU A 117 7.92 -33.88 -17.15
N THR A 118 8.26 -32.62 -17.45
CA THR A 118 9.63 -32.15 -17.25
C THR A 118 9.97 -32.07 -15.77
N VAL A 119 9.07 -31.52 -14.96
CA VAL A 119 9.27 -31.49 -13.51
C VAL A 119 9.44 -32.92 -12.98
N SER A 120 8.56 -33.82 -13.40
CA SER A 120 8.61 -35.22 -12.95
C SER A 120 9.98 -35.89 -13.13
N GLY A 121 10.62 -35.62 -14.28
CA GLY A 121 11.90 -36.27 -14.63
C GLY A 121 13.14 -35.57 -14.06
N SER A 122 12.94 -34.43 -13.38
CA SER A 122 14.09 -33.57 -13.02
C SER A 122 14.60 -33.81 -11.61
N ASP A 123 15.92 -33.77 -11.46
CA ASP A 123 16.55 -33.85 -10.14
C ASP A 123 16.78 -32.47 -9.52
N LEU A 124 16.90 -31.46 -10.38
CA LEU A 124 16.97 -30.06 -9.98
C LEU A 124 15.95 -29.37 -10.88
N VAL A 125 14.97 -28.72 -10.26
CA VAL A 125 13.91 -27.99 -10.97
C VAL A 125 14.17 -26.51 -10.78
N LEU A 126 14.47 -25.83 -11.89
CA LEU A 126 14.68 -24.37 -11.84
C LEU A 126 13.37 -23.71 -12.24
N LEU A 127 12.71 -23.13 -11.25
CA LEU A 127 11.39 -22.58 -11.47
C LEU A 127 11.49 -21.10 -11.87
N LEU A 128 11.38 -20.83 -13.18
CA LEU A 128 11.68 -19.50 -13.70
C LEU A 128 10.45 -18.80 -14.32
N ILE A 129 9.26 -19.31 -13.99
CA ILE A 129 8.00 -18.68 -14.43
C ILE A 129 7.69 -17.47 -13.55
N SER A 130 6.73 -16.66 -13.98
CA SER A 130 6.39 -15.40 -13.31
C SER A 130 6.00 -15.63 -11.85
N ASP A 131 6.15 -14.59 -11.03
CA ASP A 131 5.70 -14.61 -9.65
C ASP A 131 4.25 -15.08 -9.53
N ALA A 132 3.37 -14.50 -10.36
CA ALA A 132 1.94 -14.84 -10.31
C ALA A 132 1.72 -16.31 -10.64
N ALA A 133 2.45 -16.78 -11.67
CA ALA A 133 2.35 -18.20 -12.05
C ALA A 133 2.88 -19.11 -10.92
N GLN A 134 3.93 -18.68 -10.23
CA GLN A 134 4.38 -19.45 -9.05
C GLN A 134 3.31 -19.53 -7.94
N ALA A 135 2.68 -18.40 -7.65
CA ALA A 135 1.63 -18.35 -6.61
C ALA A 135 0.44 -19.26 -6.96
N ASP A 136 0.16 -19.37 -8.26
CA ASP A 136 -0.98 -20.14 -8.76
C ASP A 136 -0.69 -21.63 -8.89
N ASN A 137 0.58 -21.98 -9.10
CA ASN A 137 0.96 -23.36 -9.47
C ASN A 137 1.80 -24.13 -8.44
N TYR A 138 2.14 -23.54 -7.30
CA TYR A 138 3.15 -24.18 -6.45
C TYR A 138 2.72 -25.58 -5.97
N GLU A 139 1.45 -25.73 -5.57
CA GLU A 139 0.99 -27.03 -5.07
C GLU A 139 1.24 -28.09 -6.14
N LYS A 140 0.87 -27.78 -7.38
CA LYS A 140 1.03 -28.76 -8.47
C LYS A 140 2.50 -29.03 -8.78
N ILE A 141 3.34 -27.99 -8.67
CA ILE A 141 4.77 -28.14 -8.88
C ILE A 141 5.30 -29.09 -7.82
N PHE A 142 4.95 -28.82 -6.55
CA PHE A 142 5.39 -29.67 -5.45
C PHE A 142 4.91 -31.11 -5.62
N SER A 143 3.68 -31.29 -6.11
CA SER A 143 3.07 -32.62 -6.27
C SER A 143 3.78 -33.45 -7.33
N HIS A 144 4.39 -32.78 -8.31
CA HIS A 144 5.10 -33.48 -9.40
C HIS A 144 6.57 -33.79 -9.11
N MET A 145 7.14 -33.15 -8.09
CA MET A 145 8.57 -33.31 -7.86
C MET A 145 8.93 -34.63 -7.21
N LYS A 146 10.07 -35.18 -7.61
CA LYS A 146 10.62 -36.37 -6.95
C LYS A 146 10.92 -36.09 -5.48
N PRO A 147 10.53 -37.01 -4.58
CA PRO A 147 11.02 -36.88 -3.21
C PRO A 147 12.56 -36.78 -3.22
N ASN A 148 13.10 -35.94 -2.33
CA ASN A 148 14.55 -35.69 -2.20
C ASN A 148 15.18 -34.94 -3.37
N SER A 149 14.37 -34.47 -4.31
CA SER A 149 14.90 -33.60 -5.35
C SER A 149 15.06 -32.16 -4.83
N ILE A 150 15.52 -31.28 -5.73
CA ILE A 150 15.90 -29.92 -5.38
C ILE A 150 15.14 -28.88 -6.22
N LEU A 151 14.50 -27.92 -5.54
CA LEU A 151 13.82 -26.82 -6.20
C LEU A 151 14.75 -25.62 -6.12
N GLY A 152 15.04 -25.04 -7.26
CA GLY A 152 15.88 -23.85 -7.29
C GLY A 152 15.04 -22.69 -7.78
N LEU A 153 15.18 -21.57 -7.10
CA LEU A 153 14.50 -20.32 -7.46
C LEU A 153 15.53 -19.25 -7.80
N SER A 154 15.19 -18.32 -8.68
CA SER A 154 16.16 -17.24 -8.91
CA SER A 154 16.11 -17.21 -8.98
C SER A 154 15.73 -15.93 -8.22
N HIS A 155 14.71 -16.05 -7.39
CA HIS A 155 14.16 -14.96 -6.61
C HIS A 155 13.24 -15.57 -5.55
N GLY A 156 13.13 -14.89 -4.40
CA GLY A 156 12.46 -15.45 -3.26
C GLY A 156 10.96 -15.18 -3.12
N PHE A 157 10.32 -14.62 -4.16
CA PHE A 157 8.87 -14.32 -4.10
C PHE A 157 8.06 -15.45 -3.48
N LEU A 158 8.28 -16.67 -3.98
CA LEU A 158 7.44 -17.79 -3.53
C LEU A 158 7.55 -18.05 -2.02
N LEU A 159 8.76 -17.92 -1.49
CA LEU A 159 8.93 -18.04 -0.03
C LEU A 159 8.09 -16.96 0.66
N GLY A 160 8.17 -15.72 0.17
CA GLY A 160 7.38 -14.64 0.77
C GLY A 160 5.88 -14.87 0.71
N HIS A 161 5.43 -15.41 -0.41
CA HIS A 161 4.03 -15.77 -0.59
C HIS A 161 3.62 -16.85 0.42
N LEU A 162 4.35 -17.96 0.44
CA LEU A 162 4.04 -18.99 1.45
C LEU A 162 4.05 -18.43 2.88
N GLN A 163 5.09 -17.69 3.23
CA GLN A 163 5.19 -17.10 4.58
C GLN A 163 3.99 -16.22 4.92
N SER A 164 3.54 -15.43 3.96
CA SER A 164 2.37 -14.56 4.15
C SER A 164 1.13 -15.38 4.48
N ALA A 165 1.09 -16.62 4.01
CA ALA A 165 -0.05 -17.53 4.23
C ALA A 165 0.17 -18.52 5.39
N GLY A 166 1.30 -18.37 6.09
CA GLY A 166 1.64 -19.25 7.22
C GLY A 166 1.99 -20.66 6.76
N LEU A 167 2.54 -20.75 5.55
CA LEU A 167 2.89 -22.04 4.96
C LEU A 167 4.40 -22.06 4.73
N ASP A 168 4.92 -23.23 4.38
CA ASP A 168 6.34 -23.34 3.96
C ASP A 168 6.39 -24.36 2.85
N PHE A 169 7.59 -24.60 2.36
CA PHE A 169 7.83 -25.60 1.35
C PHE A 169 7.60 -27.01 1.91
N PRO A 170 7.42 -28.01 1.02
CA PRO A 170 7.30 -29.38 1.54
C PRO A 170 8.58 -29.82 2.23
N LYS A 171 8.45 -30.71 3.20
CA LYS A 171 9.62 -31.17 3.92
C LYS A 171 10.53 -32.12 3.08
N ASN A 172 10.01 -32.63 1.97
CA ASN A 172 10.74 -33.69 1.25
C ASN A 172 11.56 -33.22 0.06
N ILE A 173 11.71 -31.90 -0.07
CA ILE A 173 12.57 -31.36 -1.13
C ILE A 173 13.55 -30.34 -0.57
N SER A 174 14.73 -30.24 -1.21
CA SER A 174 15.65 -29.13 -0.89
C SER A 174 15.19 -27.90 -1.64
N VAL A 175 15.46 -26.72 -1.10
CA VAL A 175 15.05 -25.46 -1.72
C VAL A 175 16.25 -24.54 -1.66
N ILE A 176 16.72 -24.11 -2.85
CA ILE A 176 17.89 -23.25 -2.96
C ILE A 176 17.54 -22.09 -3.90
N ALA A 177 18.42 -21.09 -3.95
CA ALA A 177 18.25 -19.98 -4.86
C ALA A 177 19.58 -19.47 -5.37
N VAL A 178 19.60 -19.14 -6.65
CA VAL A 178 20.72 -18.46 -7.27
C VAL A 178 20.11 -17.27 -8.00
N CYS A 179 20.54 -16.07 -7.60
CA CYS A 179 19.85 -14.83 -7.96
C CYS A 179 20.81 -13.89 -8.72
N PRO A 180 20.79 -13.95 -10.06
CA PRO A 180 21.71 -13.09 -10.84
C PRO A 180 21.45 -11.59 -10.67
N LYS A 181 22.53 -10.80 -10.65
CA LYS A 181 22.45 -9.35 -10.53
CA LYS A 181 22.43 -9.35 -10.53
C LYS A 181 22.52 -8.74 -11.93
N GLY A 182 21.56 -9.10 -12.77
CA GLY A 182 21.54 -8.63 -14.16
C GLY A 182 20.35 -9.23 -14.87
N MET A 183 19.94 -8.56 -15.95
CA MET A 183 18.82 -9.02 -16.77
C MET A 183 19.23 -10.27 -17.55
N GLY A 184 18.25 -11.11 -17.87
CA GLY A 184 18.49 -12.35 -18.60
C GLY A 184 19.41 -12.20 -19.79
N PRO A 185 19.09 -11.28 -20.71
CA PRO A 185 19.97 -11.10 -21.87
C PRO A 185 21.43 -10.86 -21.50
N SER A 186 21.69 -10.14 -20.39
CA SER A 186 23.06 -9.91 -19.95
CA SER A 186 23.06 -9.92 -19.98
C SER A 186 23.67 -11.17 -19.34
N VAL A 187 22.84 -11.95 -18.65
CA VAL A 187 23.32 -13.23 -18.11
C VAL A 187 23.91 -14.08 -19.24
N ARG A 188 23.24 -14.10 -20.40
CA ARG A 188 23.73 -14.87 -21.54
C ARG A 188 24.91 -14.18 -22.24
N ARG A 189 24.75 -12.89 -22.55
CA ARG A 189 25.76 -12.12 -23.28
CA ARG A 189 25.78 -12.17 -23.29
C ARG A 189 27.11 -12.22 -22.57
N LEU A 190 27.11 -11.94 -21.27
CA LEU A 190 28.37 -11.87 -20.53
C LEU A 190 28.98 -13.24 -20.35
N TYR A 191 28.13 -14.28 -20.32
CA TYR A 191 28.63 -15.65 -20.27
C TYR A 191 29.42 -15.97 -21.55
N VAL A 192 28.84 -15.65 -22.71
CA VAL A 192 29.53 -15.92 -23.97
C VAL A 192 30.86 -15.12 -24.07
N GLN A 193 30.81 -13.85 -23.69
CA GLN A 193 32.02 -13.00 -23.62
C GLN A 193 33.07 -13.61 -22.70
N GLY A 194 32.59 -14.18 -21.59
CA GLY A 194 33.43 -14.83 -20.59
C GLY A 194 34.23 -16.02 -21.13
N LYS A 195 33.83 -16.53 -22.29
CA LYS A 195 34.60 -17.57 -22.99
C LYS A 195 35.96 -17.00 -23.46
N GLU A 196 36.07 -15.66 -23.51
CA GLU A 196 37.27 -14.94 -23.98
C GLU A 196 37.85 -14.00 -22.94
N ILE A 197 36.96 -13.39 -22.13
CA ILE A 197 37.38 -12.39 -21.17
C ILE A 197 37.19 -12.92 -19.74
N ASN A 198 38.29 -13.10 -19.03
CA ASN A 198 38.24 -13.56 -17.65
C ASN A 198 37.43 -12.54 -16.85
N GLY A 199 36.48 -13.03 -16.03
CA GLY A 199 35.71 -12.15 -15.16
C GLY A 199 34.47 -11.51 -15.78
N ALA A 200 34.21 -11.85 -17.05
CA ALA A 200 32.98 -11.43 -17.68
C ALA A 200 31.87 -12.46 -17.38
N GLY A 201 30.78 -11.95 -16.82
CA GLY A 201 29.63 -12.78 -16.41
C GLY A 201 28.80 -11.90 -15.51
N ILE A 202 27.63 -12.37 -15.13
CA ILE A 202 26.78 -11.63 -14.19
C ILE A 202 26.94 -12.26 -12.79
N ASN A 203 27.27 -11.43 -11.80
CA ASN A 203 27.38 -11.90 -10.40
C ASN A 203 26.02 -12.40 -9.91
N SER A 204 26.04 -13.29 -8.91
CA SER A 204 24.82 -13.79 -8.31
C SER A 204 24.99 -13.84 -6.79
N SER A 205 23.86 -13.90 -6.07
CA SER A 205 23.89 -14.33 -4.67
C SER A 205 23.20 -15.69 -4.60
N PHE A 206 23.52 -16.47 -3.57
CA PHE A 206 22.86 -17.77 -3.41
C PHE A 206 22.32 -17.94 -2.00
N ALA A 207 21.32 -18.80 -1.88
CA ALA A 207 20.75 -19.13 -0.58
C ALA A 207 20.40 -20.61 -0.55
N VAL A 208 20.45 -21.18 0.66
CA VAL A 208 19.96 -22.54 0.87
C VAL A 208 18.90 -22.42 1.95
N HIS A 209 17.64 -22.61 1.54
CA HIS A 209 16.51 -22.49 2.45
C HIS A 209 16.25 -23.83 3.14
N GLN A 210 16.30 -24.93 2.38
CA GLN A 210 16.14 -26.28 2.95
C GLN A 210 17.13 -27.19 2.27
N ASP A 211 17.72 -28.09 3.06
CA ASP A 211 18.69 -29.03 2.57
C ASP A 211 18.33 -30.39 3.18
N VAL A 212 17.69 -31.25 2.36
CA VAL A 212 17.15 -32.52 2.88
C VAL A 212 18.15 -33.67 2.98
N ASP A 213 19.25 -33.60 2.22
CA ASP A 213 20.17 -34.74 2.11
C ASP A 213 21.66 -34.35 2.11
N GLY A 214 21.94 -33.06 2.34
CA GLY A 214 23.32 -32.55 2.40
C GLY A 214 23.91 -32.07 1.07
N ARG A 215 23.15 -32.21 -0.03
CA ARG A 215 23.67 -31.86 -1.36
C ARG A 215 23.44 -30.39 -1.74
N ALA A 216 22.54 -29.72 -1.02
CA ALA A 216 21.98 -28.46 -1.48
C ALA A 216 23.00 -27.35 -1.75
N THR A 217 23.97 -27.19 -0.85
CA THR A 217 24.93 -26.09 -0.97
C THR A 217 25.79 -26.22 -2.24
N ASP A 218 26.35 -27.41 -2.46
CA ASP A 218 27.17 -27.66 -3.63
C ASP A 218 26.37 -27.55 -4.94
N VAL A 219 25.10 -27.96 -4.91
CA VAL A 219 24.26 -27.82 -6.09
C VAL A 219 24.01 -26.33 -6.38
N ALA A 220 23.68 -25.55 -5.35
CA ALA A 220 23.48 -24.10 -5.52
C ALA A 220 24.73 -23.43 -6.10
N LEU A 221 25.89 -23.70 -5.50
CA LEU A 221 27.16 -23.11 -5.97
C LEU A 221 27.50 -23.59 -7.38
N GLY A 222 27.27 -24.86 -7.64
CA GLY A 222 27.44 -25.41 -9.00
C GLY A 222 26.57 -24.66 -10.03
N TRP A 223 25.31 -24.45 -9.67
CA TRP A 223 24.40 -23.73 -10.56
C TRP A 223 24.94 -22.32 -10.82
N SER A 224 25.29 -21.60 -9.76
CA SER A 224 25.82 -20.24 -9.93
C SER A 224 27.07 -20.19 -10.80
N VAL A 225 28.00 -21.09 -10.53
CA VAL A 225 29.25 -21.16 -11.29
C VAL A 225 28.97 -21.49 -12.77
N ALA A 226 28.09 -22.47 -12.99
CA ALA A 226 27.72 -22.88 -14.36
C ALA A 226 26.99 -21.77 -15.13
N LEU A 227 26.33 -20.85 -14.41
CA LEU A 227 25.70 -19.70 -15.06
C LEU A 227 26.75 -18.67 -15.49
N GLY A 228 27.97 -18.82 -14.99
CA GLY A 228 29.07 -17.91 -15.34
C GLY A 228 29.30 -16.77 -14.34
N SER A 229 28.67 -16.87 -13.16
CA SER A 229 28.83 -15.84 -12.14
C SER A 229 30.31 -15.65 -11.80
N PRO A 230 30.87 -14.44 -12.03
CA PRO A 230 32.27 -14.20 -11.62
C PRO A 230 32.48 -14.24 -10.10
N PHE A 231 31.46 -13.82 -9.36
CA PHE A 231 31.41 -13.99 -7.91
C PHE A 231 30.02 -14.41 -7.52
N THR A 232 29.96 -15.29 -6.52
CA THR A 232 28.72 -15.67 -5.89
C THR A 232 28.75 -15.26 -4.42
N PHE A 233 27.83 -14.37 -4.06
CA PHE A 233 27.67 -13.86 -2.70
C PHE A 233 26.65 -14.69 -1.93
N ALA A 234 26.75 -14.67 -0.60
CA ALA A 234 25.92 -15.51 0.28
C ALA A 234 24.81 -14.69 0.91
N THR A 235 23.58 -15.16 0.76
CA THR A 235 22.45 -14.53 1.47
C THR A 235 21.47 -15.59 1.98
N THR A 236 20.33 -15.14 2.49
CA THR A 236 19.24 -16.04 2.84
C THR A 236 18.07 -15.72 1.92
N LEU A 237 17.19 -16.69 1.71
CA LEU A 237 16.05 -16.48 0.81
C LEU A 237 15.13 -15.36 1.28
N GLU A 238 14.93 -15.28 2.60
CA GLU A 238 14.12 -14.21 3.22
CA GLU A 238 14.11 -14.22 3.20
C GLU A 238 14.75 -12.85 2.93
N GLN A 239 16.06 -12.74 3.15
CA GLN A 239 16.69 -11.45 2.90
C GLN A 239 16.64 -11.06 1.42
N GLU A 240 16.83 -12.05 0.55
CA GLU A 240 16.82 -11.74 -0.89
C GLU A 240 15.44 -11.20 -1.31
N TYR A 241 14.37 -11.88 -0.92
CA TYR A 241 13.06 -11.39 -1.36
C TYR A 241 12.71 -10.03 -0.79
N LYS A 242 13.08 -9.80 0.49
CA LYS A 242 12.82 -8.47 1.08
C LYS A 242 13.64 -7.40 0.35
N SER A 243 14.93 -7.63 0.15
CA SER A 243 15.75 -6.67 -0.57
C SER A 243 15.23 -6.37 -1.98
N ASP A 244 14.82 -7.41 -2.69
CA ASP A 244 14.42 -7.23 -4.09
C ASP A 244 13.08 -6.51 -4.19
N ILE A 245 12.09 -7.00 -3.44
CA ILE A 245 10.74 -6.48 -3.62
C ILE A 245 10.66 -5.04 -3.06
N PHE A 246 11.33 -4.81 -1.94
CA PHE A 246 11.42 -3.46 -1.39
C PHE A 246 12.27 -2.57 -2.33
N GLY A 247 13.38 -3.10 -2.82
CA GLY A 247 14.33 -2.30 -3.60
C GLY A 247 13.69 -1.71 -4.85
N GLU A 248 12.86 -2.50 -5.53
CA GLU A 248 12.21 -1.99 -6.76
C GLU A 248 11.15 -0.92 -6.49
N ARG A 249 10.58 -0.98 -5.29
CA ARG A 249 9.65 0.07 -4.85
C ARG A 249 10.42 1.29 -4.39
N GLY A 250 11.67 1.06 -3.96
CA GLY A 250 12.62 2.09 -3.59
C GLY A 250 13.41 2.60 -4.80
N ILE A 251 14.71 2.78 -4.61
CA ILE A 251 15.55 3.49 -5.56
C ILE A 251 15.64 2.84 -6.94
N LEU A 252 15.40 1.52 -7.03
CA LEU A 252 15.55 0.87 -8.34
C LEU A 252 14.56 1.41 -9.36
N LEU A 253 13.34 1.73 -8.90
CA LEU A 253 12.28 2.13 -9.87
C LEU A 253 11.26 3.07 -9.28
N GLY A 254 10.52 2.58 -8.29
CA GLY A 254 9.45 3.38 -7.70
C GLY A 254 9.88 4.75 -7.21
N ALA A 255 10.94 4.78 -6.38
CA ALA A 255 11.34 6.04 -5.78
C ALA A 255 11.94 6.97 -6.83
N VAL A 256 12.65 6.44 -7.83
CA VAL A 256 13.24 7.32 -8.82
CA VAL A 256 13.22 7.28 -8.89
C VAL A 256 12.13 7.96 -9.67
N HIS A 257 11.10 7.18 -10.04
CA HIS A 257 9.98 7.76 -10.75
C HIS A 257 9.35 8.89 -9.90
N GLY A 258 9.12 8.59 -8.62
CA GLY A 258 8.41 9.55 -7.77
C GLY A 258 9.20 10.84 -7.58
N ILE A 259 10.51 10.72 -7.35
CA ILE A 259 11.29 11.94 -7.10
C ILE A 259 11.43 12.78 -8.37
N VAL A 260 11.49 12.11 -9.53
CA VAL A 260 11.65 12.89 -10.77
C VAL A 260 10.36 13.62 -11.11
N GLU A 261 9.21 12.98 -10.85
CA GLU A 261 7.93 13.70 -11.02
C GLU A 261 7.89 14.92 -10.10
N ALA A 262 8.30 14.74 -8.84
CA ALA A 262 8.26 15.83 -7.87
C ALA A 262 9.20 16.98 -8.27
N LEU A 263 10.44 16.62 -8.63
CA LEU A 263 11.43 17.61 -9.06
C LEU A 263 11.05 18.33 -10.37
N PHE A 264 10.61 17.58 -11.39
CA PHE A 264 10.19 18.19 -12.65
C PHE A 264 9.06 19.21 -12.41
N ARG A 265 8.07 18.82 -11.59
CA ARG A 265 6.99 19.75 -11.23
C ARG A 265 7.55 21.01 -10.54
N ARG A 266 8.43 20.82 -9.56
CA ARG A 266 9.05 21.93 -8.84
C ARG A 266 9.79 22.88 -9.77
N TYR A 267 10.69 22.33 -10.59
CA TYR A 267 11.55 23.16 -11.45
C TYR A 267 10.71 23.94 -12.46
N THR A 268 9.71 23.28 -13.04
CA THR A 268 8.85 23.98 -14.01
C THR A 268 7.99 25.04 -13.31
N GLU A 269 7.53 24.76 -12.09
CA GLU A 269 6.82 25.75 -11.26
C GLU A 269 7.68 27.00 -11.03
N GLN A 270 8.98 26.77 -10.84
CA GLN A 270 9.93 27.85 -10.60
C GLN A 270 10.27 28.61 -11.88
N GLY A 271 9.85 28.09 -13.04
CA GLY A 271 10.05 28.75 -14.34
C GLY A 271 11.01 28.09 -15.33
N MET A 272 11.57 26.94 -14.94
CA MET A 272 12.47 26.24 -15.85
C MET A 272 11.69 25.73 -17.04
N ASP A 273 12.26 25.85 -18.25
CA ASP A 273 11.67 25.25 -19.45
CA ASP A 273 11.63 25.26 -19.42
C ASP A 273 11.53 23.74 -19.25
N GLU A 274 10.46 23.16 -19.78
CA GLU A 274 10.17 21.74 -19.63
C GLU A 274 11.31 20.79 -20.06
N GLU A 275 11.89 21.06 -21.24
CA GLU A 275 12.97 20.21 -21.72
CA GLU A 275 13.00 20.27 -21.77
C GLU A 275 14.17 20.26 -20.79
N MET A 276 14.54 21.46 -20.32
CA MET A 276 15.63 21.58 -19.35
CA MET A 276 15.61 21.63 -19.33
C MET A 276 15.27 20.89 -18.03
N ALA A 277 14.00 20.98 -17.61
CA ALA A 277 13.57 20.32 -16.37
C ALA A 277 13.73 18.81 -16.45
N TYR A 278 13.40 18.25 -17.62
CA TYR A 278 13.61 16.82 -17.89
C TYR A 278 15.10 16.47 -17.83
N LYS A 279 15.93 17.28 -18.50
CA LYS A 279 17.37 17.01 -18.56
C LYS A 279 17.99 17.05 -17.16
N ASN A 280 17.56 18.02 -16.36
CA ASN A 280 18.10 18.23 -15.01
C ASN A 280 17.57 17.24 -13.98
N THR A 281 16.53 16.48 -14.34
CA THR A 281 15.99 15.45 -13.44
C THR A 281 16.35 14.05 -13.95
N VAL A 282 15.57 13.55 -14.91
CA VAL A 282 15.73 12.19 -15.43
C VAL A 282 17.09 11.91 -16.07
N GLU A 283 17.45 12.75 -17.02
CA GLU A 283 18.72 12.59 -17.78
C GLU A 283 19.91 12.56 -16.83
N GLY A 284 19.95 13.52 -15.90
CA GLY A 284 21.07 13.62 -14.95
C GLY A 284 21.18 12.41 -14.04
N ILE A 285 20.06 11.97 -13.47
CA ILE A 285 20.06 10.79 -12.59
C ILE A 285 20.55 9.55 -13.37
N THR A 286 19.91 9.26 -14.50
CA THR A 286 20.21 7.99 -15.20
C THR A 286 21.51 8.04 -16.02
N GLY A 287 22.05 9.24 -16.25
CA GLY A 287 23.27 9.43 -17.03
C GLY A 287 24.44 9.76 -16.11
N ILE A 288 24.82 11.04 -16.08
CA ILE A 288 26.02 11.50 -15.38
CA ILE A 288 26.05 11.46 -15.39
C ILE A 288 26.08 11.09 -13.90
N ILE A 289 24.96 11.22 -13.20
CA ILE A 289 24.97 10.87 -11.76
C ILE A 289 25.28 9.38 -11.60
N SER A 290 24.57 8.55 -12.36
CA SER A 290 24.80 7.10 -12.33
C SER A 290 26.23 6.75 -12.72
N LYS A 291 26.73 7.34 -13.80
CA LYS A 291 28.12 7.10 -14.24
C LYS A 291 29.13 7.44 -13.15
N THR A 292 28.88 8.57 -12.46
CA THR A 292 29.81 9.06 -11.46
C THR A 292 29.81 8.10 -10.27
N ILE A 293 28.62 7.72 -9.83
CA ILE A 293 28.52 6.76 -8.73
C ILE A 293 29.17 5.43 -9.11
N SER A 294 28.90 4.94 -10.31
CA SER A 294 29.50 3.70 -10.78
C SER A 294 31.03 3.74 -10.77
N LYS A 295 31.60 4.86 -11.21
CA LYS A 295 33.06 4.99 -11.35
C LYS A 295 33.77 5.27 -10.03
N LYS A 296 33.29 6.28 -9.28
CA LYS A 296 33.97 6.74 -8.07
C LYS A 296 33.09 6.88 -6.83
N GLY A 297 31.81 6.52 -6.92
CA GLY A 297 30.95 6.51 -5.75
C GLY A 297 30.24 7.82 -5.46
N MET A 298 29.42 7.81 -4.41
CA MET A 298 28.59 8.98 -4.10
C MET A 298 29.39 10.23 -3.64
N LEU A 299 30.52 10.02 -2.97
CA LEU A 299 31.31 11.17 -2.53
C LEU A 299 31.80 12.01 -3.71
N GLU A 300 32.08 11.33 -4.82
CA GLU A 300 32.58 12.01 -6.01
C GLU A 300 31.49 12.86 -6.67
N VAL A 301 30.23 12.45 -6.51
CA VAL A 301 29.12 13.28 -7.00
C VAL A 301 29.17 14.65 -6.32
N TYR A 302 29.33 14.65 -4.99
CA TYR A 302 29.39 15.90 -4.23
C TYR A 302 30.68 16.69 -4.53
N ASN A 303 31.80 15.99 -4.50
CA ASN A 303 33.11 16.60 -4.77
C ASN A 303 33.26 17.19 -6.17
N SER A 304 32.49 16.70 -7.14
CA SER A 304 32.56 17.21 -8.52
C SER A 304 31.79 18.52 -8.74
N LEU A 305 31.08 18.96 -7.71
CA LEU A 305 30.24 20.16 -7.79
C LEU A 305 31.05 21.43 -7.54
N THR A 306 30.54 22.57 -8.02
CA THR A 306 31.12 23.87 -7.67
C THR A 306 30.85 24.13 -6.19
N GLU A 307 31.52 25.13 -5.62
CA GLU A 307 31.26 25.51 -4.24
C GLU A 307 29.79 25.92 -4.03
N GLU A 308 29.23 26.65 -5.00
CA GLU A 308 27.82 27.01 -5.04
CA GLU A 308 27.81 27.00 -4.98
C GLU A 308 26.94 25.74 -5.08
N GLY A 309 27.31 24.83 -5.98
CA GLY A 309 26.57 23.57 -6.18
C GLY A 309 26.57 22.70 -4.94
N LYS A 310 27.70 22.66 -4.23
CA LYS A 310 27.79 21.91 -2.96
C LYS A 310 26.74 22.38 -1.96
N LYS A 311 26.55 23.70 -1.86
CA LYS A 311 25.53 24.24 -0.96
C LYS A 311 24.13 23.75 -1.35
N GLU A 312 23.86 23.74 -2.65
CA GLU A 312 22.57 23.31 -3.16
C GLU A 312 22.36 21.81 -2.88
N PHE A 313 23.41 21.02 -3.11
CA PHE A 313 23.39 19.57 -2.85
C PHE A 313 23.04 19.34 -1.38
N ASN A 314 23.77 20.04 -0.51
CA ASN A 314 23.54 19.90 0.93
C ASN A 314 22.15 20.31 1.38
N LYS A 315 21.62 21.41 0.82
CA LYS A 315 20.22 21.81 1.06
C LYS A 315 19.27 20.67 0.70
N ALA A 316 19.43 20.09 -0.48
CA ALA A 316 18.54 19.02 -0.94
C ALA A 316 18.65 17.77 -0.05
N TYR A 317 19.89 17.38 0.25
CA TYR A 317 20.15 16.16 0.99
C TYR A 317 19.56 16.33 2.38
N SER A 318 19.87 17.47 3.00
CA SER A 318 19.42 17.71 4.38
C SER A 318 17.90 17.66 4.49
N ALA A 319 17.22 18.09 3.42
CA ALA A 319 15.77 18.22 3.41
C ALA A 319 15.08 16.92 3.02
N SER A 320 15.79 16.09 2.24
CA SER A 320 15.18 14.94 1.57
C SER A 320 15.43 13.58 2.24
N PHE A 321 16.49 13.49 3.03
CA PHE A 321 16.91 12.19 3.62
C PHE A 321 15.78 11.55 4.45
N TYR A 322 15.23 12.30 5.41
CA TYR A 322 14.23 11.73 6.31
C TYR A 322 12.89 11.46 5.61
N PRO A 323 12.37 12.42 4.81
CA PRO A 323 11.17 12.08 4.01
C PRO A 323 11.33 10.79 3.19
N CYS A 324 12.45 10.63 2.48
CA CYS A 324 12.66 9.38 1.74
C CYS A 324 12.71 8.17 2.68
N MET A 325 13.45 8.31 3.78
CA MET A 325 13.51 7.23 4.76
C MET A 325 12.13 6.84 5.31
N ASP A 326 11.28 7.81 5.60
CA ASP A 326 9.91 7.57 6.11
C ASP A 326 9.18 6.56 5.21
N ILE A 327 9.19 6.84 3.91
CA ILE A 327 8.49 5.96 2.95
C ILE A 327 9.22 4.60 2.79
N LEU A 328 10.55 4.63 2.68
CA LEU A 328 11.32 3.39 2.51
C LEU A 328 11.09 2.47 3.70
N TYR A 329 11.16 3.03 4.89
CA TYR A 329 10.94 2.28 6.16
C TYR A 329 9.54 1.61 6.18
N GLU A 330 8.53 2.39 5.80
CA GLU A 330 7.15 1.89 5.68
C GLU A 330 7.08 0.73 4.66
N CYS A 331 7.64 0.96 3.48
CA CYS A 331 7.62 -0.04 2.43
C CYS A 331 8.33 -1.33 2.84
N TYR A 332 9.51 -1.18 3.46
CA TYR A 332 10.27 -2.33 3.92
C TYR A 332 9.42 -3.17 4.88
N GLU A 333 8.82 -2.50 5.88
CA GLU A 333 8.06 -3.28 6.88
C GLU A 333 6.85 -3.97 6.26
N ASP A 334 6.22 -3.31 5.28
CA ASP A 334 5.06 -3.96 4.58
C ASP A 334 5.53 -5.19 3.78
N VAL A 335 6.71 -5.11 3.15
CA VAL A 335 7.30 -6.25 2.46
C VAL A 335 7.61 -7.38 3.45
N ALA A 336 8.26 -7.03 4.57
CA ALA A 336 8.68 -8.06 5.50
C ALA A 336 7.48 -8.74 6.21
N SER A 337 6.39 -7.99 6.40
CA SER A 337 5.25 -8.44 7.22
C SER A 337 4.28 -9.41 6.54
N GLY A 338 4.35 -9.45 5.21
CA GLY A 338 3.36 -10.20 4.41
C GLY A 338 2.37 -9.31 3.68
N SER A 339 2.21 -8.07 4.14
CA SER A 339 1.18 -7.18 3.60
C SER A 339 1.39 -6.95 2.11
N GLU A 340 2.62 -6.66 1.74
CA GLU A 340 2.87 -6.20 0.37
C GLU A 340 2.79 -7.36 -0.64
N ILE A 341 3.35 -8.51 -0.27
CA ILE A 341 3.27 -9.66 -1.19
C ILE A 341 1.83 -10.09 -1.38
N ARG A 342 1.05 -10.07 -0.29
CA ARG A 342 -0.37 -10.40 -0.41
C ARG A 342 -1.04 -9.40 -1.37
N SER A 343 -0.73 -8.12 -1.23
CA SER A 343 -1.34 -7.14 -2.13
CA SER A 343 -1.27 -7.09 -2.12
C SER A 343 -0.96 -7.39 -3.59
N VAL A 344 0.28 -7.81 -3.86
CA VAL A 344 0.72 -8.12 -5.23
C VAL A 344 -0.06 -9.32 -5.81
N VAL A 345 -0.21 -10.36 -4.98
CA VAL A 345 -0.94 -11.56 -5.42
C VAL A 345 -2.40 -11.21 -5.72
N LEU A 346 -3.04 -10.44 -4.88
CA LEU A 346 -4.41 -10.05 -5.14
C LEU A 346 -4.52 -9.15 -6.38
N ALA A 347 -3.55 -8.23 -6.53
CA ALA A 347 -3.54 -7.32 -7.69
C ALA A 347 -3.53 -8.10 -8.98
N GLY A 348 -2.71 -9.16 -9.04
CA GLY A 348 -2.61 -9.98 -10.26
C GLY A 348 -3.96 -10.60 -10.60
N ARG A 349 -4.74 -10.95 -9.58
CA ARG A 349 -6.04 -11.60 -9.78
CA ARG A 349 -6.02 -11.62 -9.82
C ARG A 349 -7.10 -10.63 -10.28
N ARG A 350 -6.88 -9.34 -10.00
CA ARG A 350 -7.78 -8.29 -10.44
C ARG A 350 -7.54 -7.89 -11.92
N PHE A 351 -6.51 -8.48 -12.55
CA PHE A 351 -6.28 -8.27 -14.00
C PHE A 351 -7.35 -8.94 -14.86
N TYR A 352 -8.17 -9.78 -14.22
CA TYR A 352 -9.22 -10.55 -14.88
C TYR A 352 -10.55 -10.33 -14.17
N GLU A 353 -11.65 -10.55 -14.88
CA GLU A 353 -12.98 -10.43 -14.30
C GLU A 353 -13.19 -11.48 -13.22
N LYS A 354 -13.65 -11.02 -12.06
CA LYS A 354 -14.09 -11.92 -11.00
C LYS A 354 -15.10 -11.19 -10.12
N GLU A 355 -15.91 -11.97 -9.41
CA GLU A 355 -16.86 -11.41 -8.43
C GLU A 355 -17.83 -10.40 -9.05
N GLY A 356 -18.08 -10.54 -10.35
CA GLY A 356 -18.98 -9.61 -11.06
C GLY A 356 -18.37 -8.25 -11.36
N LEU A 357 -17.07 -8.10 -11.11
CA LEU A 357 -16.34 -6.84 -11.35
C LEU A 357 -15.51 -6.89 -12.63
N PRO A 358 -15.19 -5.71 -13.20
CA PRO A 358 -14.37 -5.67 -14.42
C PRO A 358 -12.93 -6.11 -14.18
N ALA A 359 -12.22 -6.38 -15.29
CA ALA A 359 -10.79 -6.63 -15.25
C ALA A 359 -10.04 -5.30 -15.27
N PHE A 360 -8.92 -5.24 -14.53
CA PHE A 360 -8.12 -4.03 -14.47
C PHE A 360 -6.64 -4.28 -14.74
N PRO A 361 -6.30 -4.64 -15.99
CA PRO A 361 -4.86 -4.78 -16.28
C PRO A 361 -4.18 -3.41 -16.13
N MET A 362 -2.87 -3.42 -15.91
CA MET A 362 -2.12 -2.19 -15.73
C MET A 362 -2.15 -1.32 -16.99
N GLY A 363 -2.22 0.00 -16.78
CA GLY A 363 -2.17 0.95 -17.88
C GLY A 363 -0.76 1.49 -18.01
N ASN A 364 -0.58 2.45 -18.91
CA ASN A 364 0.71 3.10 -19.17
C ASN A 364 0.88 4.42 -18.38
N ILE A 365 2.13 4.77 -18.06
CA ILE A 365 2.40 6.06 -17.42
C ILE A 365 2.83 7.10 -18.44
N ASP A 366 3.19 6.63 -19.64
CA ASP A 366 4.02 7.41 -20.54
C ASP A 366 3.36 8.62 -21.24
N GLN A 367 2.12 8.92 -20.84
CA GLN A 367 1.36 9.93 -21.58
C GLN A 367 1.12 11.21 -20.79
N THR A 368 1.69 11.29 -19.59
CA THR A 368 1.56 12.52 -18.80
C THR A 368 2.64 13.51 -19.21
N ARG A 369 2.56 14.70 -18.61
CA ARG A 369 3.35 15.86 -19.02
C ARG A 369 4.83 15.57 -19.26
N MET A 370 5.53 15.04 -18.25
CA MET A 370 6.99 14.96 -18.34
C MET A 370 7.50 13.88 -19.31
N TRP A 371 6.71 12.84 -19.55
CA TRP A 371 7.17 11.74 -20.41
C TRP A 371 6.99 12.08 -21.89
N LYS A 372 6.01 12.93 -22.17
CA LYS A 372 5.85 13.51 -23.50
C LYS A 372 7.08 14.40 -23.79
N VAL A 373 7.49 15.18 -22.79
CA VAL A 373 8.67 16.03 -22.92
C VAL A 373 9.92 15.17 -23.13
N GLY A 374 10.02 14.07 -22.38
CA GLY A 374 11.17 13.17 -22.50
C GLY A 374 11.38 12.56 -23.88
N GLU A 375 10.27 12.28 -24.57
CA GLU A 375 10.32 11.75 -25.93
C GLU A 375 11.05 12.71 -26.86
N LYS A 376 10.67 13.99 -26.77
CA LYS A 376 11.32 15.06 -27.52
C LYS A 376 12.82 15.16 -27.20
N VAL A 377 13.14 15.24 -25.91
CA VAL A 377 14.53 15.32 -25.47
C VAL A 377 15.40 14.19 -26.06
N ARG A 378 14.94 12.95 -25.93
CA ARG A 378 15.73 11.80 -26.41
C ARG A 378 15.89 11.76 -27.94
N SER A 379 14.86 12.20 -28.66
CA SER A 379 14.86 12.19 -30.13
C SER A 379 15.84 13.20 -30.76
N THR A 380 16.21 14.23 -30.00
CA THR A 380 17.17 15.22 -30.47
C THR A 380 18.49 15.12 -29.70
N ARG A 381 18.56 14.16 -28.78
CA ARG A 381 19.73 13.98 -27.91
C ARG A 381 20.97 13.54 -28.70
N PRO A 382 22.09 14.29 -28.55
CA PRO A 382 23.37 13.90 -29.15
C PRO A 382 23.85 12.54 -28.66
N GLU A 383 24.67 11.90 -29.49
CA GLU A 383 25.29 10.60 -29.16
C GLU A 383 26.12 10.68 -27.87
N ASN A 384 25.91 9.70 -27.00
CA ASN A 384 26.63 9.57 -25.71
C ASN A 384 26.48 10.75 -24.74
N ASP A 385 25.40 11.51 -24.91
CA ASP A 385 25.02 12.56 -23.97
C ASP A 385 24.64 11.92 -22.63
N LEU A 386 25.24 12.41 -21.55
CA LEU A 386 24.94 11.90 -20.20
C LEU A 386 24.17 12.92 -19.34
N GLY A 387 23.90 14.08 -19.93
CA GLY A 387 23.07 15.09 -19.29
C GLY A 387 23.80 16.03 -18.32
N PRO A 388 23.08 17.02 -17.79
CA PRO A 388 23.67 17.96 -16.85
C PRO A 388 23.62 17.40 -15.44
N LEU A 389 24.62 17.72 -14.62
CA LEU A 389 24.63 17.38 -13.21
CA LEU A 389 24.57 17.36 -13.21
C LEU A 389 24.04 18.54 -12.41
N HIS A 390 22.75 18.47 -12.09
CA HIS A 390 22.10 19.50 -11.32
C HIS A 390 22.30 19.16 -9.84
N PRO A 391 22.91 20.09 -9.08
CA PRO A 391 23.26 19.78 -7.68
C PRO A 391 22.08 19.46 -6.78
N PHE A 392 20.94 20.14 -7.00
CA PHE A 392 19.75 19.88 -6.18
C PHE A 392 19.22 18.45 -6.45
N THR A 393 19.10 18.12 -7.74
CA THR A 393 18.66 16.78 -8.14
C THR A 393 19.62 15.73 -7.54
N ALA A 394 20.93 16.00 -7.62
CA ALA A 394 21.95 15.08 -7.08
C ALA A 394 21.77 14.88 -5.56
N GLY A 395 21.48 15.97 -4.85
CA GLY A 395 21.32 15.89 -3.40
C GLY A 395 20.12 15.04 -3.01
N VAL A 396 19.03 15.19 -3.77
CA VAL A 396 17.84 14.39 -3.49
C VAL A 396 18.14 12.92 -3.79
N TYR A 397 18.74 12.65 -4.96
CA TYR A 397 18.97 11.26 -5.37
C TYR A 397 19.94 10.54 -4.42
N VAL A 398 21.02 11.23 -4.07
CA VAL A 398 21.99 10.66 -3.13
C VAL A 398 21.37 10.46 -1.72
N ALA A 399 20.52 11.40 -1.28
CA ALA A 399 19.81 11.23 0.00
C ALA A 399 18.94 9.97 -0.04
N LEU A 400 18.25 9.76 -1.15
CA LEU A 400 17.42 8.57 -1.33
C LEU A 400 18.26 7.29 -1.21
N MET A 401 19.40 7.28 -1.91
CA MET A 401 20.32 6.13 -1.90
C MET A 401 20.82 5.87 -0.49
N MET A 402 21.25 6.92 0.20
CA MET A 402 21.78 6.76 1.55
C MET A 402 20.69 6.32 2.54
N ALA A 403 19.46 6.79 2.31
CA ALA A 403 18.36 6.41 3.22
C ALA A 403 17.99 4.93 3.04
N GLN A 404 18.01 4.48 1.77
CA GLN A 404 17.74 3.08 1.51
C GLN A 404 18.83 2.19 2.12
N ILE A 405 20.09 2.58 1.92
CA ILE A 405 21.21 1.87 2.57
C ILE A 405 20.96 1.78 4.08
N GLU A 406 20.58 2.88 4.71
CA GLU A 406 20.42 2.87 6.19
C GLU A 406 19.26 1.98 6.61
N VAL A 407 18.17 1.99 5.86
CA VAL A 407 17.04 1.13 6.23
C VAL A 407 17.46 -0.35 6.15
N LEU A 408 18.11 -0.73 5.06
CA LEU A 408 18.57 -2.12 4.87
C LEU A 408 19.59 -2.53 5.95
N ARG A 409 20.48 -1.60 6.31
CA ARG A 409 21.51 -1.84 7.35
C ARG A 409 20.85 -2.16 8.69
N LYS A 410 19.93 -1.29 9.11
CA LYS A 410 19.27 -1.45 10.40
C LYS A 410 18.28 -2.64 10.39
N LYS A 411 17.86 -3.05 9.19
CA LYS A 411 17.00 -4.23 9.03
C LYS A 411 17.81 -5.54 8.87
N GLY A 412 19.14 -5.43 9.01
CA GLY A 412 20.00 -6.61 9.15
C GLY A 412 20.59 -7.20 7.88
N HIS A 413 20.54 -6.44 6.79
CA HIS A 413 21.10 -6.99 5.54
C HIS A 413 22.64 -6.85 5.52
N SER A 414 23.29 -7.75 4.80
CA SER A 414 24.75 -7.69 4.59
C SER A 414 25.17 -6.52 3.70
N TYR A 415 26.38 -6.00 3.91
CA TYR A 415 26.84 -4.94 3.03
C TYR A 415 26.87 -5.36 1.57
N SER A 416 27.23 -6.61 1.29
CA SER A 416 27.35 -7.04 -0.11
C SER A 416 25.95 -6.97 -0.75
N GLU A 417 24.93 -7.42 -0.03
CA GLU A 417 23.57 -7.38 -0.60
C GLU A 417 23.05 -5.95 -0.75
N ILE A 418 23.32 -5.12 0.27
CA ILE A 418 22.92 -3.72 0.22
C ILE A 418 23.56 -3.06 -0.99
N ILE A 419 24.87 -3.23 -1.12
CA ILE A 419 25.60 -2.55 -2.17
C ILE A 419 25.30 -3.15 -3.53
N ASN A 420 25.35 -4.48 -3.64
CA ASN A 420 25.16 -5.15 -4.94
C ASN A 420 23.80 -4.85 -5.55
N GLU A 421 22.74 -4.92 -4.74
CA GLU A 421 21.39 -4.79 -5.27
CA GLU A 421 21.39 -4.77 -5.30
C GLU A 421 20.86 -3.34 -5.24
N SER A 422 21.26 -2.56 -4.22
CA SER A 422 20.75 -1.19 -4.06
CA SER A 422 20.73 -1.20 -4.09
C SER A 422 21.68 -0.06 -4.56
N VAL A 423 22.92 -0.37 -4.91
CA VAL A 423 23.78 0.63 -5.55
C VAL A 423 24.22 0.18 -6.95
N ILE A 424 25.01 -0.89 -6.99
CA ILE A 424 25.61 -1.36 -8.24
CA ILE A 424 25.62 -1.34 -8.25
C ILE A 424 24.56 -1.72 -9.30
N GLU A 425 23.60 -2.58 -8.92
CA GLU A 425 22.66 -3.04 -9.94
CA GLU A 425 22.61 -3.04 -9.91
C GLU A 425 21.84 -1.85 -10.46
N SER A 426 21.57 -0.86 -9.59
CA SER A 426 20.89 0.35 -10.00
C SER A 426 21.68 1.17 -11.04
N VAL A 427 22.91 1.54 -10.71
CA VAL A 427 23.67 2.43 -11.57
C VAL A 427 24.28 1.73 -12.80
N ASP A 428 24.49 0.42 -12.70
CA ASP A 428 25.13 -0.34 -13.79
C ASP A 428 24.22 -1.15 -14.69
N SER A 429 23.09 -1.59 -14.14
CA SER A 429 22.14 -2.40 -14.91
C SER A 429 20.88 -1.60 -15.28
N LEU A 430 20.13 -1.15 -14.27
CA LEU A 430 18.81 -0.55 -14.52
C LEU A 430 18.84 0.90 -15.05
N ASN A 431 19.64 1.76 -14.42
CA ASN A 431 19.70 3.15 -14.85
C ASN A 431 20.14 3.34 -16.31
N PRO A 432 21.22 2.64 -16.75
CA PRO A 432 21.63 2.72 -18.17
C PRO A 432 20.53 2.30 -19.13
N PHE A 433 19.83 1.23 -18.78
CA PHE A 433 18.62 0.81 -19.50
C PHE A 433 17.61 1.97 -19.55
N MET A 434 17.37 2.62 -18.42
CA MET A 434 16.46 3.79 -18.33
C MET A 434 16.96 5.08 -19.00
N HIS A 435 18.27 5.22 -19.10
CA HIS A 435 18.80 6.38 -19.80
C HIS A 435 18.49 6.29 -21.29
N ALA A 436 18.49 5.06 -21.80
CA ALA A 436 18.27 4.78 -23.22
C ALA A 436 16.82 4.90 -23.65
N ARG A 437 15.90 4.40 -22.81
CA ARG A 437 14.50 4.26 -23.17
C ARG A 437 13.54 5.15 -22.36
N GLY A 438 14.03 5.73 -21.27
CA GLY A 438 13.19 6.51 -20.38
C GLY A 438 12.69 5.64 -19.25
N VAL A 439 12.44 6.28 -18.11
CA VAL A 439 11.88 5.63 -16.93
C VAL A 439 10.49 5.06 -17.26
N ALA A 440 9.71 5.79 -18.04
CA ALA A 440 8.35 5.35 -18.36
C ALA A 440 8.40 3.97 -19.01
N PHE A 441 9.34 3.76 -19.92
CA PHE A 441 9.51 2.44 -20.54
C PHE A 441 9.60 1.32 -19.53
N MET A 442 10.46 1.50 -18.53
CA MET A 442 10.63 0.51 -17.46
C MET A 442 9.37 0.32 -16.64
N VAL A 443 8.70 1.41 -16.29
CA VAL A 443 7.46 1.31 -15.51
C VAL A 443 6.41 0.55 -16.32
N ASP A 444 6.42 0.74 -17.64
CA ASP A 444 5.44 0.08 -18.50
C ASP A 444 5.79 -1.35 -18.92
N ASN A 445 7.09 -1.70 -18.85
CA ASN A 445 7.57 -2.98 -19.40
C ASN A 445 8.33 -3.93 -18.45
N CYS A 446 8.53 -3.55 -17.18
CA CYS A 446 9.25 -4.44 -16.23
C CYS A 446 8.36 -5.64 -15.78
N SER A 447 8.94 -6.55 -14.99
CA SER A 447 8.19 -7.65 -14.33
C SER A 447 6.94 -7.12 -13.61
N THR A 448 5.87 -7.92 -13.61
CA THR A 448 4.62 -7.48 -13.02
C THR A 448 4.79 -7.01 -11.57
N THR A 449 5.51 -7.79 -10.76
CA THR A 449 5.61 -7.40 -9.33
C THR A 449 6.30 -6.03 -9.18
N ALA A 450 7.32 -5.79 -10.01
CA ALA A 450 8.06 -4.53 -9.98
C ALA A 450 7.17 -3.39 -10.50
N ARG A 451 6.40 -3.68 -11.55
CA ARG A 451 5.51 -2.66 -12.14
C ARG A 451 4.43 -2.24 -11.14
N LEU A 452 3.82 -3.23 -10.47
CA LEU A 452 2.81 -2.95 -9.46
C LEU A 452 3.47 -2.12 -8.37
N GLY A 453 4.68 -2.52 -7.97
CA GLY A 453 5.40 -1.85 -6.88
C GLY A 453 5.68 -0.39 -7.24
N SER A 454 6.16 -0.16 -8.46
CA SER A 454 6.44 1.18 -8.89
C SER A 454 5.16 2.05 -8.90
N ARG A 455 4.06 1.52 -9.44
CA ARG A 455 2.80 2.26 -9.49
CA ARG A 455 2.79 2.25 -9.50
C ARG A 455 2.29 2.62 -8.10
N LYS A 456 2.45 1.70 -7.14
CA LYS A 456 1.92 1.90 -5.79
C LYS A 456 2.75 2.89 -4.98
N TRP A 457 4.07 2.86 -5.18
CA TRP A 457 5.00 3.59 -4.27
C TRP A 457 5.59 4.89 -4.87
N ALA A 458 5.76 4.96 -6.19
CA ALA A 458 6.17 6.23 -6.80
C ALA A 458 5.34 7.45 -6.29
N PRO A 459 4.00 7.31 -6.24
CA PRO A 459 3.23 8.47 -5.76
C PRO A 459 3.54 8.85 -4.32
N ARG A 460 3.88 7.85 -3.49
CA ARG A 460 4.25 8.12 -2.10
C ARG A 460 5.51 8.98 -2.01
N PHE A 461 6.50 8.67 -2.85
CA PHE A 461 7.75 9.44 -2.82
C PHE A 461 7.52 10.87 -3.33
N ASP A 462 6.73 11.01 -4.38
CA ASP A 462 6.41 12.31 -4.94
C ASP A 462 5.73 13.18 -3.88
N TYR A 463 4.68 12.66 -3.24
CA TYR A 463 4.00 13.41 -2.20
C TYR A 463 4.91 13.75 -1.02
N ILE A 464 5.72 12.81 -0.55
CA ILE A 464 6.49 13.14 0.66
C ILE A 464 7.58 14.18 0.33
N LEU A 465 8.14 14.12 -0.87
CA LEU A 465 9.14 15.13 -1.21
C LEU A 465 8.46 16.49 -1.32
N THR A 466 7.29 16.50 -1.95
CA THR A 466 6.56 17.74 -2.18
C THR A 466 6.04 18.35 -0.87
N GLN A 467 5.49 17.50 0.02
CA GLN A 467 4.90 17.96 1.27
C GLN A 467 5.91 18.33 2.34
N GLN A 468 7.06 17.64 2.34
CA GLN A 468 8.02 17.78 3.43
C GLN A 468 9.36 18.34 2.97
N ALA A 469 10.02 17.65 2.04
CA ALA A 469 11.37 18.08 1.61
C ALA A 469 11.36 19.47 1.02
N PHE A 470 10.46 19.70 0.06
CA PHE A 470 10.45 20.97 -0.65
C PHE A 470 10.02 22.11 0.24
N VAL A 471 9.12 21.81 1.19
CA VAL A 471 8.65 22.76 2.18
C VAL A 471 9.80 23.19 3.09
N THR A 472 10.60 22.21 3.52
CA THR A 472 11.81 22.48 4.30
C THR A 472 12.75 23.45 3.57
N VAL A 473 13.02 23.17 2.30
CA VAL A 473 13.90 24.04 1.49
C VAL A 473 13.32 25.44 1.36
N ASP A 474 12.01 25.50 1.08
CA ASP A 474 11.35 26.79 0.87
C ASP A 474 11.21 27.66 2.12
N LYS A 475 11.27 27.02 3.29
CA LYS A 475 11.31 27.68 4.61
C LYS A 475 12.71 28.22 4.95
N ASP A 476 13.70 27.92 4.10
CA ASP A 476 15.09 28.31 4.37
C ASP A 476 15.59 27.64 5.67
N ALA A 477 15.20 26.38 5.88
CA ALA A 477 15.60 25.64 7.08
C ALA A 477 17.12 25.55 7.16
N PRO A 478 17.67 25.54 8.38
CA PRO A 478 19.13 25.37 8.48
C PRO A 478 19.56 23.99 7.98
N ILE A 479 20.77 23.89 7.45
CA ILE A 479 21.32 22.59 7.06
C ILE A 479 21.46 21.71 8.30
N ASN A 480 21.02 20.45 8.18
CA ASN A 480 21.19 19.48 9.26
C ASN A 480 22.60 18.91 9.15
N GLN A 481 23.53 19.46 9.94
CA GLN A 481 24.93 19.04 9.83
C GLN A 481 25.18 17.62 10.29
N ASP A 482 24.33 17.11 11.18
CA ASP A 482 24.38 15.69 11.56
C ASP A 482 24.22 14.80 10.31
N LEU A 483 23.21 15.11 9.48
CA LEU A 483 23.01 14.36 8.22
C LEU A 483 24.22 14.47 7.29
N ILE A 484 24.70 15.70 7.09
CA ILE A 484 25.76 15.96 6.11
C ILE A 484 27.08 15.30 6.54
N SER A 485 27.45 15.47 7.81
CA SER A 485 28.67 14.85 8.33
CA SER A 485 28.67 14.85 8.34
C SER A 485 28.55 13.33 8.27
N ASN A 486 27.37 12.80 8.58
CA ASN A 486 27.13 11.35 8.50
C ASN A 486 27.32 10.85 7.07
N PHE A 487 26.77 11.59 6.10
CA PHE A 487 26.96 11.26 4.68
C PHE A 487 28.45 11.19 4.35
N MET A 488 29.19 12.24 4.69
CA MET A 488 30.59 12.32 4.24
C MET A 488 31.48 11.25 4.89
N SER A 489 31.10 10.83 6.11
CA SER A 489 31.91 9.89 6.89
C SER A 489 31.38 8.45 6.87
N ASP A 490 30.30 8.22 6.15
CA ASP A 490 29.65 6.91 6.22
C ASP A 490 30.58 5.79 5.74
N PRO A 491 30.66 4.68 6.52
CA PRO A 491 31.48 3.50 6.13
C PRO A 491 31.11 2.88 4.78
N VAL A 492 29.88 3.13 4.31
CA VAL A 492 29.44 2.48 3.08
C VAL A 492 30.29 2.91 1.89
N HIS A 493 30.83 4.13 1.94
CA HIS A 493 31.58 4.62 0.78
C HIS A 493 32.82 3.75 0.52
N GLY A 494 33.56 3.44 1.58
CA GLY A 494 34.72 2.52 1.48
C GLY A 494 34.29 1.14 1.02
N ALA A 495 33.18 0.66 1.58
CA ALA A 495 32.65 -0.65 1.26
C ALA A 495 32.23 -0.74 -0.21
N ILE A 496 31.66 0.35 -0.72
CA ILE A 496 31.30 0.41 -2.14
C ILE A 496 32.52 0.30 -3.01
N GLU A 497 33.61 1.00 -2.64
CA GLU A 497 34.87 0.88 -3.38
C GLU A 497 35.33 -0.58 -3.46
N VAL A 498 35.30 -1.28 -2.33
CA VAL A 498 35.75 -2.68 -2.28
C VAL A 498 34.82 -3.58 -3.11
N CYS A 499 33.51 -3.42 -2.91
CA CYS A 499 32.51 -4.20 -3.65
CA CYS A 499 32.50 -4.17 -3.67
C CYS A 499 32.56 -3.91 -5.17
N ALA A 500 32.79 -2.65 -5.53
CA ALA A 500 32.84 -2.26 -6.95
C ALA A 500 33.99 -2.95 -7.68
N GLU A 501 35.03 -3.33 -6.96
CA GLU A 501 36.14 -4.10 -7.56
C GLU A 501 35.74 -5.54 -7.92
N LEU A 502 34.66 -6.03 -7.32
CA LEU A 502 34.20 -7.40 -7.56
C LEU A 502 33.18 -7.46 -8.70
N ARG A 503 32.98 -6.33 -9.38
CA ARG A 503 32.06 -6.28 -10.51
C ARG A 503 32.61 -7.03 -11.72
N PRO A 504 31.71 -7.41 -12.64
CA PRO A 504 32.20 -8.01 -13.90
C PRO A 504 33.20 -7.10 -14.64
N THR A 505 34.06 -7.72 -15.45
CA THR A 505 35.15 -7.03 -16.15
C THR A 505 34.72 -6.43 -17.50
N VAL A 506 33.43 -6.50 -17.78
CA VAL A 506 32.84 -5.82 -18.95
C VAL A 506 31.55 -5.14 -18.49
N ASP A 507 31.13 -4.09 -19.19
CA ASP A 507 29.87 -3.40 -18.87
C ASP A 507 28.68 -4.37 -18.96
N ILE A 508 27.75 -4.28 -17.99
CA ILE A 508 26.65 -5.25 -17.86
C ILE A 508 25.29 -4.79 -18.39
N SER A 509 25.23 -3.54 -18.85
CA SER A 509 24.00 -2.88 -19.38
C SER A 509 24.25 -1.38 -19.52
N LEU B 15 -30.41 -9.89 5.40
CA LEU B 15 -29.92 -9.95 6.81
C LEU B 15 -31.09 -9.84 7.78
N ASP B 16 -31.43 -10.94 8.45
CA ASP B 16 -32.47 -10.88 9.45
C ASP B 16 -31.82 -10.91 10.82
N PHE B 17 -32.59 -10.54 11.83
CA PHE B 17 -32.17 -10.66 13.20
C PHE B 17 -33.44 -10.92 14.01
N ASP B 18 -33.25 -11.45 15.22
CA ASP B 18 -34.37 -11.83 16.07
CA ASP B 18 -34.36 -11.83 16.07
C ASP B 18 -34.30 -11.04 17.38
N THR B 19 -35.22 -10.09 17.52
CA THR B 19 -35.31 -9.31 18.76
C THR B 19 -36.64 -9.60 19.46
N SER B 20 -36.59 -9.95 20.74
CA SER B 20 -37.81 -10.22 21.53
C SER B 20 -38.45 -8.95 22.08
N VAL B 21 -37.73 -7.82 22.03
CA VAL B 21 -38.18 -6.61 22.70
C VAL B 21 -38.71 -5.55 21.74
N PHE B 22 -38.00 -5.36 20.63
CA PHE B 22 -38.33 -4.29 19.69
C PHE B 22 -39.05 -4.76 18.44
N ASN B 23 -39.89 -3.89 17.89
CA ASN B 23 -40.47 -4.14 16.60
C ASN B 23 -39.51 -3.67 15.52
N LYS B 24 -39.45 -4.45 14.43
CA LYS B 24 -38.66 -4.04 13.26
C LYS B 24 -39.64 -3.61 12.17
N GLU B 25 -39.14 -2.85 11.21
CA GLU B 25 -39.94 -2.53 10.04
C GLU B 25 -39.06 -2.66 8.80
N LYS B 26 -39.68 -2.68 7.62
CA LYS B 26 -38.89 -2.88 6.40
C LYS B 26 -38.65 -1.57 5.65
N VAL B 27 -37.51 -1.53 4.97
CA VAL B 27 -37.22 -0.50 3.99
C VAL B 27 -36.86 -1.26 2.72
N SER B 28 -37.33 -0.78 1.57
CA SER B 28 -37.00 -1.40 0.28
C SER B 28 -36.12 -0.45 -0.51
N LEU B 29 -34.91 -0.91 -0.83
CA LEU B 29 -33.93 -0.08 -1.53
C LEU B 29 -33.53 -0.78 -2.79
N ALA B 30 -33.88 -0.20 -3.94
CA ALA B 30 -33.58 -0.79 -5.25
C ALA B 30 -34.08 -2.24 -5.32
N GLY B 31 -35.26 -2.47 -4.74
CA GLY B 31 -35.88 -3.78 -4.71
C GLY B 31 -35.27 -4.79 -3.75
N HIS B 32 -34.43 -4.31 -2.84
CA HIS B 32 -33.82 -5.16 -1.82
C HIS B 32 -34.33 -4.73 -0.45
N GLU B 33 -35.04 -5.63 0.21
CA GLU B 33 -35.65 -5.32 1.49
C GLU B 33 -34.62 -5.47 2.60
N GLU B 34 -34.64 -4.54 3.56
CA GLU B 34 -33.84 -4.67 4.79
C GLU B 34 -34.75 -4.38 5.96
N TYR B 35 -34.35 -4.87 7.13
CA TYR B 35 -35.04 -4.51 8.36
C TYR B 35 -34.35 -3.39 9.07
N ILE B 36 -35.12 -2.46 9.65
CA ILE B 36 -34.54 -1.42 10.48
C ILE B 36 -35.35 -1.38 11.78
N VAL B 37 -34.79 -0.74 12.80
CA VAL B 37 -35.49 -0.58 14.05
C VAL B 37 -35.62 0.92 14.34
N ARG B 38 -36.86 1.39 14.34
CA ARG B 38 -37.20 2.77 14.69
C ARG B 38 -37.06 2.92 16.19
N GLY B 39 -36.41 4.00 16.62
CA GLY B 39 -36.26 4.29 18.04
C GLY B 39 -37.27 5.32 18.54
N GLY B 40 -36.80 6.15 19.45
CA GLY B 40 -37.60 7.22 20.02
C GLY B 40 -37.64 7.13 21.52
N ARG B 41 -37.77 8.28 22.19
CA ARG B 41 -37.81 8.28 23.64
CA ARG B 41 -37.83 8.33 23.66
C ARG B 41 -39.05 7.59 24.17
N ASN B 42 -40.08 7.51 23.32
CA ASN B 42 -41.30 6.81 23.70
C ASN B 42 -41.08 5.31 23.92
N LEU B 43 -39.98 4.78 23.36
CA LEU B 43 -39.61 3.36 23.56
C LEU B 43 -38.78 3.10 24.82
N PHE B 44 -38.45 4.16 25.58
CA PHE B 44 -37.57 3.95 26.71
C PHE B 44 -38.11 2.97 27.77
N PRO B 45 -39.47 2.88 27.93
CA PRO B 45 -39.99 1.82 28.85
C PRO B 45 -39.65 0.38 28.45
N LEU B 46 -39.19 0.18 27.22
CA LEU B 46 -38.73 -1.16 26.77
C LEU B 46 -37.30 -1.50 27.19
N LEU B 47 -36.53 -0.49 27.62
CA LEU B 47 -35.12 -0.70 27.93
C LEU B 47 -34.87 -1.71 29.08
N PRO B 48 -35.68 -1.66 30.17
CA PRO B 48 -35.42 -2.68 31.21
C PRO B 48 -35.42 -4.13 30.69
N GLU B 49 -36.37 -4.49 29.83
CA GLU B 49 -36.37 -5.84 29.26
C GLU B 49 -35.24 -6.04 28.25
N ALA B 50 -34.89 -4.99 27.49
CA ALA B 50 -33.79 -5.13 26.54
C ALA B 50 -32.48 -5.47 27.28
N PHE B 51 -32.33 -4.89 28.46
CA PHE B 51 -31.12 -5.00 29.26
C PHE B 51 -31.24 -6.05 30.38
N LYS B 52 -32.15 -7.02 30.24
CA LYS B 52 -32.19 -8.14 31.21
C LYS B 52 -30.79 -8.72 31.40
N GLY B 53 -30.44 -8.91 32.66
CA GLY B 53 -29.13 -9.47 33.00
C GLY B 53 -28.00 -8.46 33.07
N ILE B 54 -28.32 -7.18 32.86
CA ILE B 54 -27.32 -6.11 32.94
C ILE B 54 -27.59 -5.27 34.22
N LYS B 55 -26.59 -5.19 35.10
CA LYS B 55 -26.68 -4.32 36.26
C LYS B 55 -25.74 -3.13 36.18
N GLN B 56 -24.65 -3.28 35.43
CA GLN B 56 -23.71 -2.20 35.24
C GLN B 56 -23.23 -2.21 33.81
N ILE B 57 -23.27 -1.03 33.18
CA ILE B 57 -22.69 -0.78 31.85
C ILE B 57 -21.41 0.02 32.09
N GLY B 58 -20.30 -0.55 31.64
CA GLY B 58 -19.00 0.10 31.81
C GLY B 58 -18.61 0.76 30.51
N VAL B 59 -18.46 2.08 30.56
CA VAL B 59 -18.06 2.85 29.39
C VAL B 59 -16.57 3.09 29.49
N ILE B 60 -15.82 2.40 28.63
CA ILE B 60 -14.36 2.42 28.71
C ILE B 60 -13.78 3.41 27.71
N GLY B 61 -13.30 4.54 28.22
CA GLY B 61 -12.73 5.57 27.34
C GLY B 61 -13.58 6.82 27.31
N TRP B 62 -12.98 7.91 26.82
CA TRP B 62 -13.59 9.24 26.86
C TRP B 62 -13.02 10.17 25.78
N GLY B 63 -13.05 9.73 24.53
CA GLY B 63 -12.63 10.61 23.44
C GLY B 63 -13.81 11.45 23.03
N SER B 64 -14.22 11.28 21.78
CA SER B 64 -15.36 12.01 21.25
CA SER B 64 -15.36 12.01 21.26
C SER B 64 -16.67 11.27 21.55
N GLN B 65 -16.60 9.93 21.58
CA GLN B 65 -17.82 9.12 21.75
CA GLN B 65 -17.79 9.06 21.75
C GLN B 65 -18.18 8.83 23.21
N GLY B 66 -17.19 8.59 24.06
CA GLY B 66 -17.42 8.30 25.48
C GLY B 66 -18.36 9.25 26.18
N PRO B 67 -18.07 10.57 26.12
CA PRO B 67 -18.89 11.58 26.79
C PRO B 67 -20.35 11.51 26.32
N ALA B 68 -20.56 11.40 25.01
CA ALA B 68 -21.90 11.35 24.46
C ALA B 68 -22.59 10.07 24.87
N GLN B 69 -21.93 8.92 24.67
CA GLN B 69 -22.58 7.65 24.95
C GLN B 69 -22.88 7.47 26.44
N ALA B 70 -21.94 7.84 27.31
CA ALA B 70 -22.16 7.77 28.76
C ALA B 70 -23.36 8.64 29.20
N GLN B 71 -23.38 9.90 28.75
CA GLN B 71 -24.48 10.79 29.18
C GLN B 71 -25.83 10.37 28.56
N ASN B 72 -25.81 9.95 27.28
CA ASN B 72 -27.07 9.53 26.64
C ASN B 72 -27.65 8.30 27.34
N LEU B 73 -26.81 7.30 27.62
CA LEU B 73 -27.28 6.07 28.28
C LEU B 73 -27.78 6.38 29.69
N ARG B 74 -26.99 7.19 30.42
CA ARG B 74 -27.42 7.63 31.76
C ARG B 74 -28.80 8.28 31.71
N ASP B 75 -29.00 9.23 30.78
CA ASP B 75 -30.28 9.92 30.67
C ASP B 75 -31.42 8.97 30.28
N SER B 76 -31.16 8.10 29.30
CA SER B 76 -32.20 7.17 28.83
C SER B 76 -32.61 6.20 29.92
N LEU B 77 -31.63 5.66 30.64
CA LEU B 77 -31.94 4.75 31.73
C LEU B 77 -32.70 5.46 32.86
N ALA B 78 -32.35 6.72 33.14
CA ALA B 78 -33.07 7.52 34.14
C ALA B 78 -34.53 7.70 33.71
N GLU B 79 -34.73 7.98 32.42
CA GLU B 79 -36.08 8.16 31.87
CA GLU B 79 -36.07 8.16 31.87
C GLU B 79 -36.87 6.87 31.94
N ALA B 80 -36.16 5.73 31.77
CA ALA B 80 -36.78 4.40 31.86
C ALA B 80 -37.03 3.96 33.31
N LYS B 81 -36.54 4.75 34.28
CA LYS B 81 -36.65 4.44 35.71
CA LYS B 81 -36.66 4.43 35.71
C LYS B 81 -35.85 3.17 36.06
N SER B 82 -34.77 2.95 35.32
CA SER B 82 -33.92 1.77 35.51
C SER B 82 -32.89 2.02 36.60
N ASP B 83 -32.52 0.97 37.33
CA ASP B 83 -31.46 1.04 38.35
CA ASP B 83 -31.46 1.07 38.34
C ASP B 83 -30.10 0.60 37.81
N ILE B 84 -30.01 0.37 36.50
CA ILE B 84 -28.71 0.03 35.88
C ILE B 84 -27.74 1.21 36.05
N VAL B 85 -26.51 0.89 36.46
CA VAL B 85 -25.48 1.90 36.70
C VAL B 85 -24.61 2.03 35.46
N VAL B 86 -24.45 3.26 34.98
CA VAL B 86 -23.50 3.58 33.91
C VAL B 86 -22.24 4.08 34.58
N LYS B 87 -21.17 3.29 34.45
CA LYS B 87 -19.89 3.60 35.12
C LYS B 87 -18.80 3.83 34.09
N ILE B 88 -18.08 4.96 34.21
CA ILE B 88 -16.99 5.32 33.31
C ILE B 88 -15.69 4.72 33.81
N GLY B 89 -14.96 4.06 32.92
CA GLY B 89 -13.64 3.51 33.25
C GLY B 89 -12.58 4.37 32.58
N LEU B 90 -11.79 5.05 33.40
CA LEU B 90 -10.74 5.95 32.91
C LEU B 90 -9.57 5.95 33.88
N ARG B 91 -8.41 6.32 33.35
CA ARG B 91 -7.18 6.51 34.12
C ARG B 91 -7.30 7.78 34.97
N LYS B 92 -7.29 7.60 36.29
CA LYS B 92 -7.33 8.72 37.22
C LYS B 92 -6.11 9.62 36.99
N GLY B 93 -6.33 10.92 36.95
CA GLY B 93 -5.23 11.85 36.66
C GLY B 93 -5.09 12.10 35.16
N SER B 94 -6.09 12.80 34.60
CA SER B 94 -6.11 13.16 33.19
C SER B 94 -7.23 14.17 32.91
N LYS B 95 -7.11 14.87 31.78
CA LYS B 95 -8.18 15.75 31.27
CA LYS B 95 -8.18 15.76 31.32
C LYS B 95 -9.52 15.01 31.18
N SER B 96 -9.49 13.80 30.63
CA SER B 96 -10.71 13.00 30.49
C SER B 96 -11.36 12.71 31.84
N PHE B 97 -10.53 12.35 32.82
CA PHE B 97 -11.00 12.10 34.17
C PHE B 97 -11.67 13.37 34.75
N ASP B 98 -11.02 14.52 34.63
CA ASP B 98 -11.61 15.81 35.04
C ASP B 98 -12.99 16.02 34.38
N GLU B 99 -13.06 15.80 33.07
CA GLU B 99 -14.29 16.04 32.31
C GLU B 99 -15.43 15.13 32.78
N ALA B 100 -15.10 13.85 33.03
CA ALA B 100 -16.10 12.89 33.50
C ALA B 100 -16.63 13.33 34.86
N ARG B 101 -15.74 13.72 35.77
CA ARG B 101 -16.17 14.21 37.08
C ARG B 101 -17.06 15.45 36.93
N ALA B 102 -16.68 16.37 36.04
CA ALA B 102 -17.48 17.60 35.82
C ALA B 102 -18.88 17.29 35.26
N ALA B 103 -19.01 16.17 34.56
CA ALA B 103 -20.31 15.72 34.02
C ALA B 103 -21.09 14.88 35.02
N GLY B 104 -20.55 14.74 36.25
CA GLY B 104 -21.29 14.09 37.33
C GLY B 104 -20.99 12.62 37.54
N PHE B 105 -20.01 12.08 36.80
CA PHE B 105 -19.53 10.72 37.01
C PHE B 105 -18.39 10.77 37.99
N THR B 106 -18.55 10.13 39.14
CA THR B 106 -17.58 10.29 40.25
C THR B 106 -17.29 8.96 40.93
N GLU B 107 -16.12 8.87 41.59
CA GLU B 107 -15.78 7.68 42.37
C GLU B 107 -16.72 7.57 43.56
N GLU B 108 -17.04 8.73 44.16
CA GLU B 108 -17.93 8.83 45.32
C GLU B 108 -19.27 8.14 45.07
N SER B 109 -19.81 8.30 43.86
CA SER B 109 -21.12 7.75 43.52
C SER B 109 -21.03 6.38 42.81
N GLY B 110 -19.81 5.89 42.62
CA GLY B 110 -19.58 4.60 41.95
C GLY B 110 -19.85 4.59 40.44
N THR B 111 -19.79 5.78 39.83
CA THR B 111 -20.05 5.93 38.39
C THR B 111 -18.77 6.34 37.64
N LEU B 112 -17.63 6.33 38.33
CA LEU B 112 -16.33 6.58 37.69
C LEU B 112 -15.30 5.73 38.44
N GLY B 113 -14.45 5.03 37.70
CA GLY B 113 -13.40 4.24 38.33
C GLY B 113 -12.29 3.82 37.38
N ASP B 114 -11.34 3.06 37.92
CA ASP B 114 -10.20 2.50 37.16
C ASP B 114 -10.71 1.67 35.99
N ILE B 115 -9.96 1.66 34.89
CA ILE B 115 -10.39 0.88 33.71
C ILE B 115 -10.65 -0.60 34.05
N TRP B 116 -9.68 -1.23 34.69
CA TRP B 116 -9.76 -2.68 34.85
C TRP B 116 -10.85 -3.09 35.84
N GLU B 117 -10.96 -2.35 36.95
CA GLU B 117 -12.03 -2.57 37.93
C GLU B 117 -13.41 -2.36 37.28
N THR B 118 -13.50 -1.36 36.40
CA THR B 118 -14.76 -1.09 35.70
C THR B 118 -15.12 -2.23 34.75
N VAL B 119 -14.15 -2.68 33.94
CA VAL B 119 -14.35 -3.86 33.08
C VAL B 119 -14.84 -5.05 33.91
N SER B 120 -14.15 -5.33 35.02
CA SER B 120 -14.39 -6.51 35.82
C SER B 120 -15.80 -6.55 36.41
N GLY B 121 -16.36 -5.37 36.69
CA GLY B 121 -17.68 -5.26 37.33
C GLY B 121 -18.86 -5.05 36.36
N SER B 122 -18.54 -4.97 35.06
CA SER B 122 -19.56 -4.64 34.03
C SER B 122 -20.18 -5.84 33.33
N ASP B 123 -21.49 -5.77 33.11
CA ASP B 123 -22.20 -6.80 32.35
C ASP B 123 -22.18 -6.50 30.86
N LEU B 124 -22.07 -5.21 30.55
CA LEU B 124 -21.88 -4.74 29.19
C LEU B 124 -20.71 -3.79 29.25
N VAL B 125 -19.71 -4.09 28.42
CA VAL B 125 -18.47 -3.31 28.35
C VAL B 125 -18.41 -2.62 27.02
N LEU B 126 -18.50 -1.30 27.06
CA LEU B 126 -18.44 -0.50 25.84
C LEU B 126 -17.02 0.01 25.66
N LEU B 127 -16.34 -0.52 24.64
CA LEU B 127 -14.91 -0.23 24.47
C LEU B 127 -14.76 0.91 23.47
N LEU B 128 -14.51 2.12 23.98
CA LEU B 128 -14.55 3.33 23.16
C LEU B 128 -13.16 3.98 22.96
N ILE B 129 -12.13 3.28 23.43
CA ILE B 129 -10.73 3.74 23.29
C ILE B 129 -10.27 3.63 21.82
N SER B 130 -9.10 4.19 21.52
CA SER B 130 -8.65 4.30 20.12
C SER B 130 -8.36 2.92 19.51
N ASP B 131 -8.31 2.87 18.19
CA ASP B 131 -7.90 1.65 17.47
C ASP B 131 -6.60 1.09 18.04
N ALA B 132 -5.59 1.96 18.11
CA ALA B 132 -4.27 1.56 18.64
C ALA B 132 -4.38 1.00 20.06
N ALA B 133 -5.15 1.66 20.92
CA ALA B 133 -5.33 1.24 22.32
C ALA B 133 -6.04 -0.12 22.39
N GLN B 134 -7.01 -0.34 21.51
CA GLN B 134 -7.68 -1.64 21.48
C GLN B 134 -6.72 -2.74 21.02
N ALA B 135 -5.92 -2.46 20.00
CA ALA B 135 -4.96 -3.44 19.49
C ALA B 135 -3.93 -3.79 20.56
N ASP B 136 -3.60 -2.83 21.44
CA ASP B 136 -2.54 -2.97 22.45
CA ASP B 136 -2.54 -3.08 22.41
C ASP B 136 -3.06 -3.62 23.73
N ASN B 137 -4.38 -3.55 23.93
CA ASN B 137 -4.95 -3.96 25.22
C ASN B 137 -5.99 -5.07 25.23
N TYR B 138 -6.30 -5.63 24.05
CA TYR B 138 -7.38 -6.61 23.97
C TYR B 138 -7.25 -7.84 24.88
N GLU B 139 -6.04 -8.39 24.99
CA GLU B 139 -5.85 -9.55 25.89
C GLU B 139 -6.23 -9.19 27.33
N LYS B 140 -5.85 -8.00 27.77
CA LYS B 140 -6.10 -7.60 29.16
C LYS B 140 -7.58 -7.31 29.37
N ILE B 141 -8.21 -6.66 28.39
CA ILE B 141 -9.64 -6.45 28.44
C ILE B 141 -10.33 -7.81 28.57
N PHE B 142 -10.02 -8.73 27.67
CA PHE B 142 -10.67 -10.04 27.65
C PHE B 142 -10.49 -10.77 28.99
N SER B 143 -9.29 -10.68 29.58
CA SER B 143 -9.00 -11.39 30.82
CA SER B 143 -8.97 -11.36 30.83
C SER B 143 -9.76 -10.82 32.03
N HIS B 144 -10.21 -9.57 31.93
CA HIS B 144 -10.97 -8.94 33.01
C HIS B 144 -12.48 -9.07 32.86
N MET B 145 -12.94 -9.53 31.71
CA MET B 145 -14.38 -9.67 31.48
C MET B 145 -14.99 -10.91 32.14
N LYS B 146 -16.22 -10.74 32.64
CA LYS B 146 -16.99 -11.84 33.22
C LYS B 146 -17.42 -12.82 32.12
N PRO B 147 -17.26 -14.13 32.33
CA PRO B 147 -17.87 -15.03 31.34
C PRO B 147 -19.35 -14.69 31.10
N ASN B 148 -19.76 -14.82 29.84
CA ASN B 148 -21.13 -14.50 29.39
C ASN B 148 -21.50 -13.02 29.37
N SER B 149 -20.57 -12.16 29.77
CA SER B 149 -20.79 -10.71 29.62
C SER B 149 -20.68 -10.35 28.15
N ILE B 150 -20.87 -9.06 27.85
CA ILE B 150 -21.03 -8.62 26.48
C ILE B 150 -20.05 -7.47 26.22
N LEU B 151 -19.27 -7.62 25.15
CA LEU B 151 -18.36 -6.57 24.71
C LEU B 151 -19.03 -5.80 23.59
N GLY B 152 -19.17 -4.49 23.75
CA GLY B 152 -19.78 -3.67 22.71
C GLY B 152 -18.71 -2.75 22.13
N LEU B 153 -18.64 -2.69 20.80
CA LEU B 153 -17.71 -1.83 20.06
C LEU B 153 -18.51 -0.80 19.26
N SER B 154 -17.93 0.37 19.01
CA SER B 154 -18.64 1.30 18.14
C SER B 154 -18.03 1.37 16.74
N HIS B 155 -17.09 0.45 16.48
CA HIS B 155 -16.39 0.34 15.22
C HIS B 155 -15.60 -0.97 15.26
N GLY B 156 -15.50 -1.62 14.11
CA GLY B 156 -14.96 -2.97 14.07
C GLY B 156 -13.47 -3.14 13.84
N PHE B 157 -12.66 -2.08 13.98
CA PHE B 157 -11.20 -2.22 13.87
C PHE B 157 -10.64 -3.46 14.61
N LEU B 158 -11.06 -3.68 15.85
CA LEU B 158 -10.47 -4.77 16.64
C LEU B 158 -10.72 -6.14 15.99
N LEU B 159 -11.92 -6.31 15.40
CA LEU B 159 -12.16 -7.55 14.65
C LEU B 159 -11.16 -7.67 13.48
N GLY B 160 -11.01 -6.60 12.71
CA GLY B 160 -10.05 -6.58 11.58
C GLY B 160 -8.65 -6.90 12.03
N HIS B 161 -8.25 -6.32 13.18
CA HIS B 161 -6.93 -6.59 13.74
C HIS B 161 -6.78 -8.07 14.09
N LEU B 162 -7.74 -8.59 14.84
CA LEU B 162 -7.68 -9.99 15.23
C LEU B 162 -7.63 -10.90 14.00
N GLN B 163 -8.49 -10.64 13.02
CA GLN B 163 -8.54 -11.48 11.82
C GLN B 163 -7.21 -11.45 11.06
N SER B 164 -6.55 -10.29 11.05
CA SER B 164 -5.25 -10.14 10.34
C SER B 164 -4.17 -11.05 10.94
N ALA B 165 -4.31 -11.35 12.24
CA ALA B 165 -3.40 -12.24 12.96
C ALA B 165 -3.94 -13.69 13.06
N GLY B 166 -5.05 -13.97 12.37
CA GLY B 166 -5.69 -15.28 12.43
C GLY B 166 -6.30 -15.61 13.78
N LEU B 167 -6.65 -14.57 14.54
CA LEU B 167 -7.31 -14.70 15.84
C LEU B 167 -8.80 -14.31 15.75
N ASP B 168 -9.55 -14.59 16.81
CA ASP B 168 -10.94 -14.10 16.94
C ASP B 168 -11.15 -13.75 18.43
N PHE B 169 -12.35 -13.31 18.77
CA PHE B 169 -12.69 -12.98 20.14
C PHE B 169 -12.77 -14.26 20.98
N PRO B 170 -12.73 -14.12 22.34
CA PRO B 170 -12.92 -15.31 23.16
C PRO B 170 -14.32 -15.88 22.97
N LYS B 171 -14.43 -17.20 23.16
CA LYS B 171 -15.70 -17.87 22.94
CA LYS B 171 -15.67 -17.93 22.98
C LYS B 171 -16.68 -17.66 24.09
N ASN B 172 -16.22 -17.07 25.20
CA ASN B 172 -17.03 -16.92 26.40
C ASN B 172 -17.68 -15.54 26.60
N ILE B 173 -17.65 -14.71 25.57
CA ILE B 173 -18.29 -13.41 25.65
C ILE B 173 -19.09 -13.17 24.37
N SER B 174 -20.19 -12.43 24.50
CA SER B 174 -20.89 -11.93 23.33
C SER B 174 -20.12 -10.71 22.83
N VAL B 175 -20.25 -10.44 21.52
CA VAL B 175 -19.56 -9.31 20.91
C VAL B 175 -20.58 -8.65 19.99
N ILE B 176 -20.87 -7.39 20.25
CA ILE B 176 -21.87 -6.62 19.48
C ILE B 176 -21.29 -5.26 19.11
N ALA B 177 -21.96 -4.56 18.18
CA ALA B 177 -21.52 -3.22 17.84
C ALA B 177 -22.71 -2.33 17.58
N VAL B 178 -22.58 -1.08 18.01
CA VAL B 178 -23.54 -0.03 17.70
C VAL B 178 -22.68 1.14 17.19
N CYS B 179 -22.95 1.58 15.96
CA CYS B 179 -22.06 2.48 15.22
C CYS B 179 -22.83 3.72 14.77
N PRO B 180 -22.80 4.79 15.56
CA PRO B 180 -23.51 6.03 15.21
C PRO B 180 -22.94 6.68 13.94
N LYS B 181 -23.84 7.22 13.12
CA LYS B 181 -23.47 7.86 11.85
CA LYS B 181 -23.48 7.86 11.85
C LYS B 181 -23.30 9.37 12.04
N GLY B 182 -22.39 9.73 12.93
CA GLY B 182 -22.16 11.14 13.17
C GLY B 182 -21.07 11.27 14.19
N MET B 183 -20.58 12.49 14.33
CA MET B 183 -19.53 12.76 15.28
CA MET B 183 -19.53 12.80 15.29
C MET B 183 -20.07 12.76 16.71
N GLY B 184 -19.22 12.38 17.65
CA GLY B 184 -19.56 12.32 19.07
C GLY B 184 -20.36 13.52 19.58
N PRO B 185 -19.86 14.76 19.36
CA PRO B 185 -20.59 15.95 19.81
C PRO B 185 -22.03 16.00 19.30
N SER B 186 -22.24 15.59 18.04
CA SER B 186 -23.57 15.57 17.46
C SER B 186 -24.46 14.49 18.07
N VAL B 187 -23.88 13.33 18.38
CA VAL B 187 -24.60 12.27 19.09
C VAL B 187 -25.21 12.84 20.40
N ARG B 188 -24.42 13.61 21.15
CA ARG B 188 -24.92 14.23 22.42
C ARG B 188 -25.86 15.42 22.16
N ARG B 189 -25.42 16.37 21.33
CA ARG B 189 -26.17 17.59 21.08
C ARG B 189 -27.56 17.25 20.53
N LEU B 190 -27.62 16.31 19.58
CA LEU B 190 -28.90 15.94 18.98
C LEU B 190 -29.76 15.13 19.93
N TYR B 191 -29.12 14.31 20.77
CA TYR B 191 -29.82 13.59 21.81
C TYR B 191 -30.52 14.59 22.73
N VAL B 192 -29.76 15.58 23.20
CA VAL B 192 -30.35 16.64 24.03
C VAL B 192 -31.49 17.35 23.28
N GLN B 193 -31.24 17.69 22.01
CA GLN B 193 -32.28 18.32 21.16
C GLN B 193 -33.51 17.41 21.05
N GLY B 194 -33.26 16.11 20.96
CA GLY B 194 -34.31 15.11 20.84
C GLY B 194 -35.26 15.00 22.01
N LYS B 195 -34.85 15.53 23.16
CA LYS B 195 -35.74 15.63 24.32
C LYS B 195 -36.89 16.62 24.07
N GLU B 196 -36.70 17.52 23.10
CA GLU B 196 -37.68 18.57 22.75
C GLU B 196 -38.24 18.43 21.34
N ILE B 197 -37.39 18.01 20.41
CA ILE B 197 -37.75 17.90 19.01
C ILE B 197 -37.78 16.43 18.63
N ASN B 198 -38.95 15.92 18.27
CA ASN B 198 -39.12 14.51 17.89
C ASN B 198 -38.19 14.12 16.75
N GLY B 199 -37.51 12.99 16.91
CA GLY B 199 -36.75 12.40 15.82
C GLY B 199 -35.41 13.05 15.59
N ALA B 200 -35.05 14.00 16.44
CA ALA B 200 -33.71 14.55 16.44
C ALA B 200 -32.81 13.50 17.09
N GLY B 201 -31.69 13.22 16.42
CA GLY B 201 -30.74 12.25 16.91
C GLY B 201 -29.93 11.73 15.73
N ILE B 202 -28.90 10.96 16.03
CA ILE B 202 -28.00 10.40 15.03
C ILE B 202 -28.34 8.91 14.78
N ASN B 203 -28.58 8.54 13.53
CA ASN B 203 -28.88 7.14 13.19
C ASN B 203 -27.65 6.27 13.46
N SER B 204 -27.86 4.96 13.58
CA SER B 204 -26.75 4.03 13.88
C SER B 204 -26.94 2.78 13.06
N SER B 205 -25.89 1.97 12.94
CA SER B 205 -26.06 0.58 12.50
C SER B 205 -25.64 -0.31 13.66
N PHE B 206 -26.10 -1.55 13.67
CA PHE B 206 -25.69 -2.47 14.73
C PHE B 206 -25.30 -3.79 14.11
N ALA B 207 -24.51 -4.54 14.87
CA ALA B 207 -24.10 -5.87 14.47
C ALA B 207 -24.02 -6.77 15.68
N VAL B 208 -24.25 -8.06 15.46
CA VAL B 208 -24.03 -9.07 16.48
C VAL B 208 -23.01 -10.05 15.90
N HIS B 209 -21.80 -10.00 16.45
CA HIS B 209 -20.71 -10.83 15.98
C HIS B 209 -20.72 -12.18 16.70
N GLN B 210 -20.99 -12.17 18.00
CA GLN B 210 -21.08 -13.41 18.79
C GLN B 210 -22.18 -13.21 19.79
N ASP B 211 -23.00 -14.26 19.95
CA ASP B 211 -24.10 -14.23 20.90
C ASP B 211 -24.06 -15.52 21.71
N VAL B 212 -23.48 -15.47 22.91
CA VAL B 212 -23.21 -16.71 23.65
C VAL B 212 -24.41 -17.23 24.46
N ASP B 213 -25.38 -16.35 24.72
CA ASP B 213 -26.50 -16.75 25.60
C ASP B 213 -27.89 -16.32 25.13
N GLY B 214 -27.97 -15.72 23.94
CA GLY B 214 -29.24 -15.32 23.33
C GLY B 214 -29.69 -13.91 23.69
N ARG B 215 -28.89 -13.18 24.47
CA ARG B 215 -29.28 -11.82 24.87
C ARG B 215 -28.70 -10.74 23.95
N ALA B 216 -27.73 -11.11 23.11
CA ALA B 216 -26.91 -10.11 22.41
C ALA B 216 -27.71 -9.13 21.54
N THR B 217 -28.71 -9.63 20.84
CA THR B 217 -29.47 -8.77 19.91
C THR B 217 -30.29 -7.71 20.66
N ASP B 218 -31.05 -8.13 21.69
CA ASP B 218 -31.84 -7.19 22.48
C ASP B 218 -30.93 -6.14 23.16
N VAL B 219 -29.75 -6.58 23.60
CA VAL B 219 -28.82 -5.64 24.26
C VAL B 219 -28.28 -4.62 23.25
N ALA B 220 -27.87 -5.09 22.08
CA ALA B 220 -27.39 -4.19 21.02
C ALA B 220 -28.47 -3.15 20.66
N LEU B 221 -29.69 -3.64 20.45
CA LEU B 221 -30.77 -2.73 20.05
C LEU B 221 -31.10 -1.76 21.20
N GLY B 222 -31.11 -2.27 22.43
CA GLY B 222 -31.33 -1.37 23.60
C GLY B 222 -30.26 -0.29 23.66
N TRP B 223 -29.00 -0.69 23.43
CA TRP B 223 -27.93 0.29 23.43
C TRP B 223 -28.21 1.36 22.35
N SER B 224 -28.51 0.93 21.11
CA SER B 224 -28.74 1.88 20.06
C SER B 224 -29.93 2.79 20.35
N VAL B 225 -31.01 2.22 20.84
CA VAL B 225 -32.21 3.04 21.12
C VAL B 225 -31.92 4.04 22.25
N ALA B 226 -31.20 3.57 23.27
CA ALA B 226 -30.84 4.41 24.43
C ALA B 226 -29.85 5.52 24.06
N LEU B 227 -29.10 5.34 22.96
CA LEU B 227 -28.27 6.43 22.43
C LEU B 227 -29.07 7.49 21.71
N GLY B 228 -30.36 7.22 21.47
CA GLY B 228 -31.26 8.17 20.84
C GLY B 228 -31.33 8.00 19.33
N SER B 229 -30.84 6.85 18.84
CA SER B 229 -30.82 6.60 17.39
C SER B 229 -32.26 6.62 16.87
N PRO B 230 -32.60 7.58 15.98
CA PRO B 230 -33.98 7.55 15.43
C PRO B 230 -34.24 6.28 14.60
N PHE B 231 -33.24 5.84 13.85
CA PHE B 231 -33.27 4.54 13.19
C PHE B 231 -31.95 3.80 13.38
N THR B 232 -32.07 2.49 13.56
CA THR B 232 -30.93 1.57 13.65
C THR B 232 -31.01 0.59 12.47
N PHE B 233 -29.96 0.60 11.67
CA PHE B 233 -29.80 -0.26 10.50
C PHE B 233 -28.99 -1.51 10.87
N ALA B 234 -29.15 -2.57 10.08
CA ALA B 234 -28.51 -3.85 10.40
C ALA B 234 -27.31 -4.10 9.52
N THR B 235 -26.18 -4.45 10.14
CA THR B 235 -24.98 -4.82 9.38
C THR B 235 -24.26 -5.97 10.07
N THR B 236 -23.07 -6.32 9.55
CA THR B 236 -22.16 -7.23 10.25
C THR B 236 -20.90 -6.47 10.65
N LEU B 237 -20.22 -6.95 11.69
CA LEU B 237 -19.01 -6.28 12.18
C LEU B 237 -17.94 -6.24 11.08
N GLU B 238 -17.81 -7.33 10.32
CA GLU B 238 -16.83 -7.37 9.23
CA GLU B 238 -16.86 -7.38 9.21
C GLU B 238 -17.19 -6.34 8.15
N GLN B 239 -18.47 -6.24 7.84
CA GLN B 239 -18.85 -5.29 6.80
C GLN B 239 -18.62 -3.87 7.28
N GLU B 240 -18.94 -3.62 8.55
CA GLU B 240 -18.77 -2.27 9.10
CA GLU B 240 -18.76 -2.31 9.19
C GLU B 240 -17.29 -1.86 9.06
N TYR B 241 -16.38 -2.74 9.47
CA TYR B 241 -15.00 -2.25 9.49
C TYR B 241 -14.44 -2.08 8.09
N LYS B 242 -14.89 -2.92 7.15
CA LYS B 242 -14.43 -2.79 5.77
C LYS B 242 -14.97 -1.51 5.16
N SER B 243 -16.27 -1.24 5.35
CA SER B 243 -16.86 -0.02 4.80
C SER B 243 -16.16 1.23 5.33
N ASP B 244 -15.87 1.22 6.64
CA ASP B 244 -15.31 2.41 7.30
C ASP B 244 -13.86 2.64 6.86
N ILE B 245 -13.03 1.60 7.04
CA ILE B 245 -11.60 1.72 6.76
C ILE B 245 -11.28 1.92 5.27
N PHE B 246 -11.96 1.17 4.42
CA PHE B 246 -11.87 1.42 2.99
C PHE B 246 -12.46 2.80 2.62
N GLY B 247 -13.62 3.16 3.22
CA GLY B 247 -14.37 4.36 2.80
C GLY B 247 -13.55 5.63 3.03
N GLU B 248 -12.83 5.66 4.16
CA GLU B 248 -12.00 6.85 4.47
C GLU B 248 -10.79 7.01 3.55
N ARG B 249 -10.33 5.87 3.01
CA ARG B 249 -9.26 5.87 2.00
C ARG B 249 -9.84 6.27 0.64
N GLY B 250 -11.12 5.96 0.47
CA GLY B 250 -11.92 6.35 -0.71
C GLY B 250 -12.55 7.71 -0.55
N ILE B 251 -13.81 7.82 -0.96
CA ILE B 251 -14.45 9.12 -1.12
C ILE B 251 -14.58 9.97 0.16
N LEU B 252 -14.53 9.33 1.34
CA LEU B 252 -14.76 10.12 2.56
C LEU B 252 -13.62 11.08 2.86
N LEU B 253 -12.40 10.73 2.42
CA LEU B 253 -11.24 11.56 2.74
C LEU B 253 -10.12 11.40 1.71
N GLY B 254 -9.50 10.22 1.66
CA GLY B 254 -8.29 10.06 0.82
C GLY B 254 -8.54 10.34 -0.65
N ALA B 255 -9.65 9.83 -1.19
CA ALA B 255 -9.87 10.03 -2.62
C ALA B 255 -10.22 11.49 -2.95
N VAL B 256 -10.90 12.17 -2.03
CA VAL B 256 -11.24 13.59 -2.26
C VAL B 256 -9.93 14.41 -2.34
N HIS B 257 -9.03 14.14 -1.41
CA HIS B 257 -7.74 14.83 -1.41
C HIS B 257 -7.06 14.54 -2.76
N GLY B 258 -6.95 13.27 -3.12
CA GLY B 258 -6.28 12.91 -4.37
C GLY B 258 -6.86 13.53 -5.64
N ILE B 259 -8.18 13.49 -5.77
CA ILE B 259 -8.78 14.01 -7.02
C ILE B 259 -8.64 15.54 -7.11
N VAL B 260 -8.70 16.20 -5.97
CA VAL B 260 -8.60 17.66 -5.94
C VAL B 260 -7.15 18.12 -6.23
N GLU B 261 -6.15 17.35 -5.79
CA GLU B 261 -4.75 17.67 -6.15
C GLU B 261 -4.62 17.51 -7.67
N ALA B 262 -5.17 16.41 -8.18
CA ALA B 262 -5.05 16.09 -9.61
C ALA B 262 -5.74 17.17 -10.47
N LEU B 263 -6.97 17.53 -10.08
CA LEU B 263 -7.74 18.52 -10.86
C LEU B 263 -7.11 19.92 -10.77
N PHE B 264 -6.69 20.31 -9.57
CA PHE B 264 -6.07 21.63 -9.40
C PHE B 264 -4.84 21.74 -10.31
N ARG B 265 -4.05 20.66 -10.36
CA ARG B 265 -2.84 20.66 -11.17
C ARG B 265 -3.20 20.80 -12.66
N ARG B 266 -4.20 20.04 -13.09
CA ARG B 266 -4.67 20.04 -14.48
C ARG B 266 -5.15 21.42 -14.88
N TYR B 267 -6.08 21.98 -14.10
CA TYR B 267 -6.65 23.29 -14.40
C TYR B 267 -5.58 24.39 -14.48
N THR B 268 -4.65 24.39 -13.52
CA THR B 268 -3.60 25.42 -13.54
C THR B 268 -2.65 25.23 -14.72
N GLU B 269 -2.37 23.98 -15.09
CA GLU B 269 -1.58 23.70 -16.29
CA GLU B 269 -1.56 23.73 -16.28
C GLU B 269 -2.28 24.22 -17.54
N GLN B 270 -3.60 24.15 -17.52
CA GLN B 270 -4.44 24.62 -18.63
C GLN B 270 -4.59 26.15 -18.61
N GLY B 271 -3.95 26.80 -17.63
CA GLY B 271 -3.97 28.27 -17.55
C GLY B 271 -4.99 28.90 -16.64
N MET B 272 -5.80 28.09 -15.96
CA MET B 272 -6.74 28.62 -14.96
C MET B 272 -5.97 29.27 -13.81
N ASP B 273 -6.42 30.43 -13.34
CA ASP B 273 -5.68 31.04 -12.22
C ASP B 273 -5.88 30.17 -10.97
N GLU B 274 -4.87 30.21 -10.09
CA GLU B 274 -4.82 29.29 -8.95
C GLU B 274 -6.03 29.39 -8.02
N GLU B 275 -6.45 30.60 -7.68
CA GLU B 275 -7.57 30.75 -6.76
C GLU B 275 -8.86 30.16 -7.35
N MET B 276 -9.09 30.44 -8.63
CA MET B 276 -10.24 29.87 -9.35
C MET B 276 -10.16 28.34 -9.43
N ALA B 277 -8.95 27.80 -9.65
CA ALA B 277 -8.74 26.36 -9.68
C ALA B 277 -9.11 25.74 -8.33
N TYR B 278 -8.72 26.41 -7.24
CA TYR B 278 -9.06 25.93 -5.90
C TYR B 278 -10.58 25.96 -5.69
N LYS B 279 -11.19 27.07 -6.09
CA LYS B 279 -12.63 27.23 -5.98
C LYS B 279 -13.37 26.15 -6.79
N ASN B 280 -12.91 25.91 -8.01
CA ASN B 280 -13.55 24.96 -8.92
C ASN B 280 -13.37 23.49 -8.53
N THR B 281 -12.47 23.23 -7.59
CA THR B 281 -12.19 21.86 -7.13
C THR B 281 -12.69 21.68 -5.69
N VAL B 282 -11.92 22.17 -4.73
CA VAL B 282 -12.25 22.00 -3.32
C VAL B 282 -13.55 22.65 -2.90
N GLU B 283 -13.70 23.95 -3.21
CA GLU B 283 -14.88 24.69 -2.74
C GLU B 283 -16.15 24.08 -3.34
N GLY B 284 -16.10 23.74 -4.63
CA GLY B 284 -17.27 23.16 -5.32
C GLY B 284 -17.65 21.81 -4.74
N ILE B 285 -16.66 20.96 -4.51
CA ILE B 285 -16.96 19.62 -3.98
C ILE B 285 -17.57 19.65 -2.60
N THR B 286 -16.92 20.35 -1.68
CA THR B 286 -17.37 20.32 -0.28
C THR B 286 -18.57 21.23 -0.03
N GLY B 287 -18.84 22.14 -0.97
CA GLY B 287 -19.96 23.08 -0.90
C GLY B 287 -21.14 22.65 -1.78
N ILE B 288 -21.31 23.35 -2.91
CA ILE B 288 -22.49 23.17 -3.79
C ILE B 288 -22.72 21.73 -4.29
N ILE B 289 -21.66 21.02 -4.64
CA ILE B 289 -21.85 19.64 -5.12
C ILE B 289 -22.40 18.75 -3.99
N SER B 290 -21.77 18.81 -2.82
CA SER B 290 -22.24 18.11 -1.64
C SER B 290 -23.69 18.47 -1.28
N LYS B 291 -24.00 19.77 -1.30
CA LYS B 291 -25.33 20.23 -0.92
CA LYS B 291 -25.32 20.26 -0.94
C LYS B 291 -26.36 19.71 -1.90
N THR B 292 -26.02 19.76 -3.20
CA THR B 292 -26.94 19.29 -4.23
C THR B 292 -27.20 17.78 -4.05
N ILE B 293 -26.13 17.01 -3.86
CA ILE B 293 -26.32 15.58 -3.64
C ILE B 293 -27.18 15.32 -2.39
N SER B 294 -26.91 16.04 -1.32
CA SER B 294 -27.66 15.89 -0.07
C SER B 294 -29.16 16.13 -0.24
N LYS B 295 -29.49 17.16 -1.01
CA LYS B 295 -30.87 17.61 -1.18
CA LYS B 295 -30.87 17.60 -1.17
C LYS B 295 -31.61 16.80 -2.23
N LYS B 296 -30.97 16.59 -3.38
CA LYS B 296 -31.65 15.95 -4.51
C LYS B 296 -30.90 14.83 -5.24
N GLY B 297 -29.74 14.44 -4.73
CA GLY B 297 -28.99 13.31 -5.27
C GLY B 297 -28.08 13.65 -6.44
N MET B 298 -27.35 12.65 -6.93
CA MET B 298 -26.38 12.82 -8.01
C MET B 298 -26.98 13.21 -9.38
N LEU B 299 -28.15 12.68 -9.69
CA LEU B 299 -28.80 13.04 -10.95
C LEU B 299 -29.05 14.54 -11.04
N GLU B 300 -29.40 15.16 -9.90
CA GLU B 300 -29.65 16.60 -9.87
C GLU B 300 -28.37 17.38 -10.20
N VAL B 301 -27.22 16.86 -9.77
CA VAL B 301 -25.96 17.49 -10.14
C VAL B 301 -25.82 17.58 -11.66
N TYR B 302 -26.05 16.46 -12.35
CA TYR B 302 -25.97 16.42 -13.80
C TYR B 302 -27.04 17.31 -14.46
N ASN B 303 -28.28 17.17 -13.99
CA ASN B 303 -29.42 17.86 -14.59
C ASN B 303 -29.37 19.38 -14.41
N SER B 304 -28.68 19.82 -13.35
CA SER B 304 -28.46 21.25 -13.07
C SER B 304 -27.54 21.94 -14.09
N LEU B 305 -26.73 21.16 -14.81
CA LEU B 305 -25.69 21.71 -15.69
C LEU B 305 -26.29 22.29 -16.97
N THR B 306 -25.54 23.18 -17.62
CA THR B 306 -25.94 23.68 -18.94
C THR B 306 -25.75 22.56 -19.98
N GLU B 307 -26.33 22.69 -21.16
CA GLU B 307 -26.12 21.66 -22.18
C GLU B 307 -24.64 21.45 -22.48
N GLU B 308 -23.87 22.52 -22.49
CA GLU B 308 -22.41 22.46 -22.68
C GLU B 308 -21.74 21.76 -21.49
N GLY B 309 -22.16 22.15 -20.28
CA GLY B 309 -21.65 21.56 -19.03
C GLY B 309 -21.90 20.07 -18.93
N LYS B 310 -23.05 19.64 -19.47
CA LYS B 310 -23.40 18.21 -19.43
C LYS B 310 -22.39 17.40 -20.24
N LYS B 311 -21.94 17.96 -21.37
CA LYS B 311 -20.95 17.28 -22.20
C LYS B 311 -19.62 17.14 -21.46
N GLU B 312 -19.25 18.17 -20.69
CA GLU B 312 -18.00 18.17 -19.93
C GLU B 312 -18.08 17.18 -18.78
N PHE B 313 -19.23 17.16 -18.09
CA PHE B 313 -19.48 16.17 -17.05
C PHE B 313 -19.29 14.75 -17.60
N ASN B 314 -19.88 14.49 -18.77
CA ASN B 314 -19.83 13.16 -19.36
C ASN B 314 -18.43 12.75 -19.80
N LYS B 315 -17.67 13.71 -20.35
CA LYS B 315 -16.28 13.40 -20.68
C LYS B 315 -15.53 13.00 -19.42
N ALA B 316 -15.71 13.79 -18.36
CA ALA B 316 -15.01 13.52 -17.10
C ALA B 316 -15.44 12.19 -16.49
N TYR B 317 -16.75 11.93 -16.47
CA TYR B 317 -17.28 10.69 -15.87
C TYR B 317 -16.76 9.48 -16.66
N SER B 318 -16.92 9.54 -17.99
CA SER B 318 -16.52 8.43 -18.85
C SER B 318 -15.04 8.06 -18.68
N ALA B 319 -14.19 9.08 -18.45
CA ALA B 319 -12.76 8.87 -18.40
C ALA B 319 -12.31 8.44 -17.02
N SER B 320 -13.09 8.83 -16.02
CA SER B 320 -12.65 8.70 -14.61
C SER B 320 -13.21 7.51 -13.84
N PHE B 321 -14.34 7.00 -14.29
CA PHE B 321 -15.04 5.95 -13.55
C PHE B 321 -14.14 4.73 -13.29
N TYR B 322 -13.58 4.17 -14.37
CA TYR B 322 -12.76 2.95 -14.20
C TYR B 322 -11.46 3.19 -13.46
N PRO B 323 -10.70 4.26 -13.80
CA PRO B 323 -9.52 4.56 -12.97
C PRO B 323 -9.86 4.64 -11.49
N CYS B 324 -10.93 5.36 -11.13
CA CYS B 324 -11.32 5.41 -9.70
C CYS B 324 -11.64 4.02 -9.16
N MET B 325 -12.42 3.26 -9.93
CA MET B 325 -12.77 1.91 -9.52
CA MET B 325 -12.77 1.90 -9.50
C MET B 325 -11.52 1.03 -9.28
N ASP B 326 -10.52 1.17 -10.15
CA ASP B 326 -9.29 0.37 -10.09
C ASP B 326 -8.66 0.52 -8.69
N ILE B 327 -8.49 1.76 -8.28
CA ILE B 327 -7.83 2.03 -6.98
C ILE B 327 -8.77 1.63 -5.82
N LEU B 328 -10.06 1.94 -5.97
CA LEU B 328 -11.04 1.59 -4.91
C LEU B 328 -11.08 0.09 -4.66
N TYR B 329 -11.06 -0.67 -5.75
CA TYR B 329 -11.10 -2.14 -5.73
C TYR B 329 -9.84 -2.69 -5.04
N GLU B 330 -8.69 -2.14 -5.44
CA GLU B 330 -7.42 -2.51 -4.78
C GLU B 330 -7.45 -2.25 -3.27
N CYS B 331 -7.88 -1.04 -2.91
CA CYS B 331 -7.86 -0.62 -1.51
C CYS B 331 -8.81 -1.53 -0.70
N TYR B 332 -10.00 -1.78 -1.26
CA TYR B 332 -11.00 -2.62 -0.59
C TYR B 332 -10.40 -4.00 -0.29
N GLU B 333 -9.78 -4.59 -1.30
CA GLU B 333 -9.18 -5.92 -1.10
C GLU B 333 -8.06 -5.92 -0.04
N ASP B 334 -7.26 -4.85 0.00
CA ASP B 334 -6.19 -4.75 1.02
C ASP B 334 -6.77 -4.59 2.41
N VAL B 335 -7.87 -3.86 2.54
CA VAL B 335 -8.56 -3.75 3.84
C VAL B 335 -9.13 -5.11 4.24
N ALA B 336 -9.79 -5.80 3.30
CA ALA B 336 -10.43 -7.06 3.66
C ALA B 336 -9.44 -8.19 3.98
N SER B 337 -8.26 -8.15 3.35
CA SER B 337 -7.32 -9.28 3.42
C SER B 337 -6.45 -9.32 4.68
N GLY B 338 -6.43 -8.20 5.42
CA GLY B 338 -5.52 -8.06 6.57
C GLY B 338 -4.33 -7.17 6.26
N SER B 339 -4.02 -7.00 4.98
CA SER B 339 -2.83 -6.22 4.58
C SER B 339 -2.85 -4.80 5.18
N GLU B 340 -3.99 -4.13 5.03
CA GLU B 340 -4.04 -2.72 5.39
C GLU B 340 -4.06 -2.47 6.89
N ILE B 341 -4.85 -3.24 7.64
CA ILE B 341 -4.86 -3.06 9.09
C ILE B 341 -3.49 -3.37 9.68
N ARG B 342 -2.82 -4.43 9.19
CA ARG B 342 -1.49 -4.70 9.68
C ARG B 342 -0.56 -3.51 9.41
N SER B 343 -0.69 -2.92 8.22
CA SER B 343 0.20 -1.81 7.88
CA SER B 343 0.13 -1.77 7.82
C SER B 343 -0.05 -0.61 8.81
N VAL B 344 -1.31 -0.39 9.20
CA VAL B 344 -1.68 0.68 10.13
C VAL B 344 -1.03 0.45 11.53
N VAL B 345 -1.12 -0.78 12.02
CA VAL B 345 -0.51 -1.13 13.31
C VAL B 345 1.00 -0.91 13.27
N LEU B 346 1.66 -1.40 12.22
CA LEU B 346 3.09 -1.18 12.07
C LEU B 346 3.45 0.31 11.99
N ALA B 347 2.66 1.07 11.23
CA ALA B 347 2.94 2.51 11.08
C ALA B 347 2.97 3.22 12.43
N GLY B 348 2.03 2.85 13.32
CA GLY B 348 2.00 3.44 14.66
C GLY B 348 3.31 3.28 15.40
N ARG B 349 3.97 2.13 15.20
CA ARG B 349 5.19 1.84 15.94
C ARG B 349 6.37 2.63 15.38
N ARG B 350 6.24 3.11 14.15
CA ARG B 350 7.31 3.94 13.55
C ARG B 350 7.22 5.42 13.93
N PHE B 351 6.20 5.79 14.71
CA PHE B 351 6.10 7.17 15.20
C PHE B 351 7.20 7.48 16.25
N TYR B 352 7.84 6.41 16.74
CA TYR B 352 8.87 6.45 17.79
CA TYR B 352 8.91 6.55 17.74
C TYR B 352 10.15 5.76 17.33
N GLU B 353 11.28 6.10 17.95
CA GLU B 353 12.53 5.42 17.60
C GLU B 353 12.48 3.96 18.00
N LYS B 354 12.91 3.11 17.08
CA LYS B 354 13.16 1.71 17.39
CA LYS B 354 13.14 1.71 17.37
C LYS B 354 14.16 1.15 16.39
N GLU B 355 14.78 0.02 16.76
CA GLU B 355 15.69 -0.69 15.86
C GLU B 355 16.84 0.20 15.36
N GLY B 356 17.15 1.28 16.09
CA GLY B 356 18.23 2.17 15.69
C GLY B 356 17.87 3.15 14.58
N LEU B 357 16.58 3.15 14.21
CA LEU B 357 16.03 4.07 13.20
C LEU B 357 15.32 5.26 13.86
N PRO B 358 15.22 6.38 13.12
CA PRO B 358 14.56 7.58 13.63
C PRO B 358 13.05 7.38 13.83
N ALA B 359 12.47 8.32 14.58
CA ALA B 359 11.01 8.47 14.70
C ALA B 359 10.43 9.18 13.51
N PHE B 360 9.24 8.73 13.06
CA PHE B 360 8.55 9.34 11.94
C PHE B 360 7.08 9.65 12.26
N PRO B 361 6.85 10.69 13.09
CA PRO B 361 5.47 11.10 13.36
C PRO B 361 4.82 11.55 12.04
N MET B 362 3.50 11.45 11.96
CA MET B 362 2.79 11.93 10.78
C MET B 362 3.08 13.41 10.51
N GLY B 363 3.25 13.76 9.24
CA GLY B 363 3.48 15.14 8.85
C GLY B 363 2.23 15.79 8.32
N ASN B 364 2.36 17.04 7.88
CA ASN B 364 1.21 17.81 7.42
C ASN B 364 1.15 17.92 5.90
N ILE B 365 -0.07 18.06 5.36
CA ILE B 365 -0.21 18.23 3.91
C ILE B 365 -0.30 19.71 3.52
N ASP B 366 -0.58 20.56 4.51
CA ASP B 366 -1.12 21.88 4.24
C ASP B 366 -0.15 22.95 3.72
N GLN B 367 1.10 22.56 3.45
CA GLN B 367 2.13 23.56 3.09
C GLN B 367 2.50 23.52 1.61
N THR B 368 1.79 22.70 0.85
CA THR B 368 2.04 22.63 -0.59
C THR B 368 1.19 23.65 -1.33
N ARG B 369 1.43 23.74 -2.63
CA ARG B 369 0.92 24.85 -3.45
C ARG B 369 -0.57 25.10 -3.28
N MET B 370 -1.37 24.06 -3.43
CA MET B 370 -2.83 24.28 -3.51
C MET B 370 -3.43 24.61 -2.15
N TRP B 371 -2.79 24.15 -1.07
CA TRP B 371 -3.26 24.40 0.29
C TRP B 371 -2.90 25.80 0.78
N LYS B 372 -1.78 26.33 0.28
CA LYS B 372 -1.44 27.73 0.55
CA LYS B 372 -1.42 27.73 0.54
C LYS B 372 -2.43 28.65 -0.15
N VAL B 373 -2.78 28.29 -1.39
CA VAL B 373 -3.80 29.02 -2.17
C VAL B 373 -5.14 28.95 -1.43
N GLY B 374 -5.45 27.75 -0.91
CA GLY B 374 -6.71 27.53 -0.20
C GLY B 374 -6.84 28.36 1.06
N GLU B 375 -5.76 28.46 1.82
CA GLU B 375 -5.73 29.31 3.01
C GLU B 375 -6.11 30.75 2.63
N LYS B 376 -5.49 31.26 1.58
CA LYS B 376 -5.76 32.62 1.09
C LYS B 376 -7.20 32.79 0.63
N VAL B 377 -7.73 31.80 -0.09
CA VAL B 377 -9.13 31.84 -0.55
C VAL B 377 -10.10 31.80 0.64
N ARG B 378 -9.87 30.90 1.59
CA ARG B 378 -10.73 30.74 2.76
C ARG B 378 -10.74 31.95 3.69
N SER B 379 -9.61 32.66 3.75
CA SER B 379 -9.45 33.83 4.63
C SER B 379 -10.40 34.95 4.25
N THR B 380 -10.98 34.84 3.06
CA THR B 380 -11.80 35.91 2.48
C THR B 380 -13.21 35.41 2.07
N ARG B 381 -13.38 34.10 2.01
CA ARG B 381 -14.65 33.48 1.61
C ARG B 381 -15.78 33.88 2.57
N PRO B 382 -16.90 34.38 2.02
CA PRO B 382 -18.00 34.89 2.84
C PRO B 382 -18.73 33.79 3.58
N GLU B 383 -19.59 34.21 4.50
CA GLU B 383 -20.50 33.29 5.20
C GLU B 383 -21.44 32.64 4.19
N ASN B 384 -21.39 31.31 4.15
CA ASN B 384 -22.32 30.46 3.38
C ASN B 384 -22.14 30.45 1.85
N ASP B 385 -20.94 30.80 1.37
CA ASP B 385 -20.66 30.66 -0.05
C ASP B 385 -20.40 29.18 -0.32
N LEU B 386 -21.13 28.61 -1.28
CA LEU B 386 -21.00 27.18 -1.60
C LEU B 386 -20.05 26.92 -2.77
N GLY B 387 -19.58 27.99 -3.42
CA GLY B 387 -18.60 27.87 -4.50
C GLY B 387 -19.23 27.52 -5.84
N PRO B 388 -18.41 27.54 -6.91
CA PRO B 388 -18.92 27.27 -8.26
C PRO B 388 -19.05 25.78 -8.49
N LEU B 389 -20.01 25.42 -9.33
CA LEU B 389 -20.20 24.02 -9.71
C LEU B 389 -19.61 23.84 -11.11
N HIS B 390 -18.35 23.39 -11.13
CA HIS B 390 -17.61 23.17 -12.37
C HIS B 390 -17.97 21.77 -12.90
N PRO B 391 -18.51 21.69 -14.13
CA PRO B 391 -19.02 20.41 -14.63
C PRO B 391 -17.98 19.30 -14.77
N PHE B 392 -16.73 19.67 -15.09
CA PHE B 392 -15.68 18.65 -15.17
C PHE B 392 -15.35 18.08 -13.76
N THR B 393 -15.23 18.96 -12.78
CA THR B 393 -15.02 18.53 -11.39
C THR B 393 -16.19 17.64 -10.98
N ALA B 394 -17.40 18.09 -11.26
CA ALA B 394 -18.62 17.33 -10.88
C ALA B 394 -18.58 15.92 -11.49
N GLY B 395 -18.19 15.82 -12.76
CA GLY B 395 -18.07 14.52 -13.44
C GLY B 395 -17.08 13.58 -12.77
N VAL B 396 -15.93 14.13 -12.36
CA VAL B 396 -14.93 13.31 -11.68
C VAL B 396 -15.44 12.84 -10.33
N TYR B 397 -15.96 13.78 -9.54
CA TYR B 397 -16.41 13.47 -8.17
C TYR B 397 -17.58 12.46 -8.19
N VAL B 398 -18.55 12.68 -9.07
CA VAL B 398 -19.67 11.75 -9.18
C VAL B 398 -19.22 10.37 -9.70
N ALA B 399 -18.27 10.34 -10.65
CA ALA B 399 -17.69 9.06 -11.10
C ALA B 399 -17.08 8.31 -9.90
N LEU B 400 -16.36 9.04 -9.05
CA LEU B 400 -15.72 8.45 -7.88
C LEU B 400 -16.79 7.86 -6.94
N MET B 401 -17.83 8.65 -6.69
CA MET B 401 -18.91 8.21 -5.81
C MET B 401 -19.58 6.95 -6.38
N MET B 402 -19.89 6.95 -7.67
CA MET B 402 -20.52 5.79 -8.29
C MET B 402 -19.61 4.56 -8.30
N ALA B 403 -18.30 4.79 -8.47
CA ALA B 403 -17.33 3.69 -8.47
C ALA B 403 -17.22 3.03 -7.07
N GLN B 404 -17.25 3.86 -6.03
CA GLN B 404 -17.23 3.35 -4.65
C GLN B 404 -18.49 2.54 -4.37
N ILE B 405 -19.64 3.10 -4.79
CA ILE B 405 -20.92 2.39 -4.67
C ILE B 405 -20.84 1.02 -5.36
N GLU B 406 -20.28 0.99 -6.56
CA GLU B 406 -20.21 -0.26 -7.32
C GLU B 406 -19.32 -1.31 -6.64
N VAL B 407 -18.16 -0.88 -6.14
CA VAL B 407 -17.25 -1.81 -5.46
C VAL B 407 -17.96 -2.39 -4.23
N LEU B 408 -18.58 -1.51 -3.45
CA LEU B 408 -19.26 -1.99 -2.22
C LEU B 408 -20.40 -2.95 -2.54
N ARG B 409 -21.16 -2.61 -3.56
CA ARG B 409 -22.30 -3.41 -3.99
C ARG B 409 -21.84 -4.81 -4.43
N LYS B 410 -20.84 -4.84 -5.30
CA LYS B 410 -20.31 -6.12 -5.76
C LYS B 410 -19.66 -6.92 -4.62
N LYS B 411 -19.09 -6.21 -3.64
CA LYS B 411 -18.41 -6.87 -2.53
C LYS B 411 -19.39 -7.33 -1.43
N GLY B 412 -20.69 -7.05 -1.63
CA GLY B 412 -21.71 -7.67 -0.78
C GLY B 412 -22.37 -6.78 0.26
N HIS B 413 -22.09 -5.48 0.26
CA HIS B 413 -22.65 -4.59 1.28
C HIS B 413 -24.09 -4.23 0.97
N SER B 414 -24.87 -3.99 2.02
CA SER B 414 -26.27 -3.62 1.84
C SER B 414 -26.40 -2.19 1.29
N TYR B 415 -27.51 -1.90 0.60
CA TYR B 415 -27.71 -0.54 0.12
C TYR B 415 -27.71 0.49 1.26
N SER B 416 -28.28 0.15 2.42
CA SER B 416 -28.33 1.15 3.49
C SER B 416 -26.93 1.47 3.97
N GLU B 417 -26.05 0.46 4.04
CA GLU B 417 -24.68 0.75 4.53
C GLU B 417 -23.91 1.56 3.50
N ILE B 418 -24.12 1.22 2.23
CA ILE B 418 -23.46 1.92 1.14
C ILE B 418 -23.90 3.39 1.16
N ILE B 419 -25.21 3.58 1.21
CA ILE B 419 -25.77 4.90 1.13
C ILE B 419 -25.49 5.69 2.40
N ASN B 420 -25.74 5.08 3.57
CA ASN B 420 -25.58 5.82 4.83
C ASN B 420 -24.15 6.25 5.07
N GLU B 421 -23.21 5.35 4.79
CA GLU B 421 -21.81 5.61 5.13
C GLU B 421 -21.02 6.26 4.00
N SER B 422 -21.32 5.90 2.76
CA SER B 422 -20.56 6.40 1.60
C SER B 422 -21.21 7.56 0.83
N VAL B 423 -22.49 7.82 1.06
CA VAL B 423 -23.12 8.98 0.43
C VAL B 423 -23.54 9.99 1.48
N ILE B 424 -24.46 9.58 2.35
CA ILE B 424 -25.12 10.48 3.30
C ILE B 424 -24.15 11.01 4.34
N GLU B 425 -23.46 10.10 5.06
CA GLU B 425 -22.56 10.56 6.09
CA GLU B 425 -22.55 10.59 6.10
C GLU B 425 -21.49 11.52 5.50
N SER B 426 -21.09 11.25 4.27
CA SER B 426 -20.12 12.08 3.53
C SER B 426 -20.62 13.51 3.19
N VAL B 427 -21.75 13.61 2.53
CA VAL B 427 -22.26 14.94 2.15
C VAL B 427 -22.92 15.71 3.30
N ASP B 428 -23.33 14.99 4.34
CA ASP B 428 -24.10 15.60 5.45
C ASP B 428 -23.33 15.83 6.74
N SER B 429 -22.35 14.97 6.99
CA SER B 429 -21.54 15.08 8.21
C SER B 429 -20.12 15.54 7.91
N LEU B 430 -19.44 14.84 7.00
CA LEU B 430 -18.01 15.05 6.80
C LEU B 430 -17.67 16.23 5.90
N ASN B 431 -18.33 16.30 4.74
CA ASN B 431 -18.05 17.38 3.80
C ASN B 431 -18.39 18.80 4.35
N PRO B 432 -19.54 18.97 5.03
CA PRO B 432 -19.80 20.29 5.68
C PRO B 432 -18.71 20.68 6.69
N PHE B 433 -18.23 19.70 7.44
CA PHE B 433 -17.11 19.92 8.37
C PHE B 433 -15.87 20.40 7.60
N MET B 434 -15.58 19.76 6.47
CA MET B 434 -14.44 20.14 5.60
C MET B 434 -14.66 21.47 4.87
N HIS B 435 -15.91 21.80 4.56
CA HIS B 435 -16.15 23.11 3.95
C HIS B 435 -15.81 24.20 4.97
N ALA B 436 -16.19 23.97 6.23
CA ALA B 436 -15.93 24.93 7.31
C ALA B 436 -14.46 25.06 7.65
N ARG B 437 -13.79 23.93 7.86
CA ARG B 437 -12.42 23.91 8.38
C ARG B 437 -11.33 23.77 7.31
N GLY B 438 -11.70 23.30 6.12
CA GLY B 438 -10.74 23.02 5.04
C GLY B 438 -10.34 21.54 4.98
N VAL B 439 -10.06 21.04 3.78
CA VAL B 439 -9.65 19.65 3.57
C VAL B 439 -8.30 19.37 4.27
N ALA B 440 -7.36 20.30 4.14
CA ALA B 440 -6.04 20.10 4.75
C ALA B 440 -6.17 19.94 6.25
N PHE B 441 -7.02 20.75 6.88
CA PHE B 441 -7.28 20.66 8.33
C PHE B 441 -7.80 19.27 8.71
N MET B 442 -8.77 18.80 7.93
CA MET B 442 -9.39 17.49 8.17
C MET B 442 -8.36 16.35 8.07
N VAL B 443 -7.54 16.37 7.02
CA VAL B 443 -6.49 15.38 6.85
C VAL B 443 -5.46 15.47 8.00
N ASP B 444 -4.97 16.68 8.29
CA ASP B 444 -3.92 16.86 9.28
C ASP B 444 -4.34 16.63 10.75
N ASN B 445 -5.64 16.61 11.02
CA ASN B 445 -6.10 16.48 12.41
C ASN B 445 -6.99 15.28 12.64
N CYS B 446 -7.17 14.51 11.58
CA CYS B 446 -8.03 13.33 11.63
C CYS B 446 -7.44 12.26 12.57
N SER B 447 -8.29 11.35 13.06
CA SER B 447 -7.79 10.18 13.85
C SER B 447 -6.84 9.29 13.04
N THR B 448 -6.03 8.51 13.76
CA THR B 448 -4.81 8.02 13.17
C THR B 448 -5.04 7.08 12.00
N THR B 449 -5.96 6.13 12.15
CA THR B 449 -6.16 5.13 11.07
C THR B 449 -6.61 5.82 9.77
N ALA B 450 -7.50 6.80 9.91
CA ALA B 450 -7.99 7.54 8.74
C ALA B 450 -6.90 8.45 8.17
N ARG B 451 -6.12 9.08 9.06
CA ARG B 451 -5.05 9.96 8.60
C ARG B 451 -3.98 9.20 7.80
N LEU B 452 -3.56 8.05 8.31
CA LEU B 452 -2.64 7.17 7.62
C LEU B 452 -3.26 6.74 6.31
N GLY B 453 -4.55 6.43 6.33
CA GLY B 453 -5.25 5.97 5.12
C GLY B 453 -5.21 7.03 4.05
N SER B 454 -5.52 8.26 4.46
CA SER B 454 -5.55 9.35 3.51
C SER B 454 -4.19 9.56 2.85
N ARG B 455 -3.12 9.55 3.67
CA ARG B 455 -1.77 9.78 3.16
CA ARG B 455 -1.77 9.78 3.16
C ARG B 455 -1.33 8.70 2.18
N LYS B 456 -1.75 7.46 2.45
CA LYS B 456 -1.31 6.32 1.66
C LYS B 456 -2.03 6.28 0.31
N TRP B 457 -3.32 6.62 0.34
CA TRP B 457 -4.18 6.43 -0.84
C TRP B 457 -4.46 7.69 -1.70
N ALA B 458 -4.46 8.88 -1.08
CA ALA B 458 -4.67 10.12 -1.84
C ALA B 458 -3.73 10.14 -3.08
N PRO B 459 -2.42 9.86 -2.88
CA PRO B 459 -1.51 9.90 -4.06
C PRO B 459 -1.89 8.92 -5.17
N ARG B 460 -2.46 7.77 -4.79
CA ARG B 460 -2.93 6.78 -5.77
C ARG B 460 -4.04 7.32 -6.65
N PHE B 461 -5.00 8.04 -6.04
CA PHE B 461 -6.07 8.62 -6.85
C PHE B 461 -5.57 9.75 -7.76
N ASP B 462 -4.67 10.57 -7.20
CA ASP B 462 -4.04 11.63 -7.97
C ASP B 462 -3.37 11.04 -9.21
N TYR B 463 -2.49 10.06 -9.02
CA TYR B 463 -1.74 9.50 -10.15
C TYR B 463 -2.63 8.76 -11.15
N ILE B 464 -3.63 8.00 -10.68
CA ILE B 464 -4.45 7.27 -11.67
C ILE B 464 -5.28 8.24 -12.53
N LEU B 465 -5.74 9.34 -11.93
CA LEU B 465 -6.48 10.31 -12.73
C LEU B 465 -5.53 10.99 -13.73
N THR B 466 -4.36 11.38 -13.24
CA THR B 466 -3.39 12.11 -14.06
C THR B 466 -2.86 11.26 -15.21
N GLN B 467 -2.53 10.00 -14.89
CA GLN B 467 -1.88 9.08 -15.82
C GLN B 467 -2.84 8.39 -16.81
N GLN B 468 -4.10 8.25 -16.40
CA GLN B 468 -5.08 7.53 -17.18
C GLN B 468 -6.28 8.37 -17.58
N ALA B 469 -7.08 8.80 -16.60
CA ALA B 469 -8.33 9.51 -16.88
C ALA B 469 -8.08 10.75 -17.75
N PHE B 470 -7.14 11.59 -17.32
CA PHE B 470 -6.91 12.85 -18.03
C PHE B 470 -6.30 12.64 -19.40
N VAL B 471 -5.49 11.58 -19.53
CA VAL B 471 -4.94 11.17 -20.83
C VAL B 471 -6.05 10.79 -21.81
N THR B 472 -7.02 10.01 -21.32
CA THR B 472 -8.21 9.64 -22.08
C THR B 472 -8.95 10.89 -22.55
N VAL B 473 -9.19 11.85 -21.65
CA VAL B 473 -9.88 13.08 -22.05
C VAL B 473 -9.09 13.82 -23.13
N ASP B 474 -7.78 13.93 -22.90
CA ASP B 474 -6.91 14.67 -23.83
C ASP B 474 -6.68 13.98 -25.19
N LYS B 475 -7.05 12.71 -25.28
CA LYS B 475 -7.11 11.94 -26.54
C LYS B 475 -8.32 12.33 -27.40
N ASP B 476 -9.28 13.04 -26.80
CA ASP B 476 -10.62 13.19 -27.37
C ASP B 476 -11.28 11.82 -27.56
N ALA B 477 -11.06 10.94 -26.58
CA ALA B 477 -11.68 9.63 -26.58
C ALA B 477 -13.19 9.79 -26.69
N PRO B 478 -13.84 8.96 -27.54
CA PRO B 478 -15.30 9.01 -27.56
C PRO B 478 -15.83 8.62 -26.18
N ILE B 479 -16.92 9.27 -25.81
CA ILE B 479 -17.67 8.95 -24.59
C ILE B 479 -18.02 7.45 -24.58
N ASN B 480 -17.85 6.82 -23.43
CA ASN B 480 -18.34 5.47 -23.21
C ASN B 480 -19.83 5.57 -22.84
N GLN B 481 -20.70 5.37 -23.83
CA GLN B 481 -22.13 5.60 -23.64
C GLN B 481 -22.75 4.62 -22.65
N ASP B 482 -22.20 3.41 -22.56
CA ASP B 482 -22.70 2.46 -21.58
CA ASP B 482 -22.60 2.40 -21.57
C ASP B 482 -22.46 2.94 -20.15
N LEU B 483 -21.30 3.55 -19.88
CA LEU B 483 -21.04 4.07 -18.54
C LEU B 483 -22.05 5.16 -18.20
N ILE B 484 -22.30 6.05 -19.16
CA ILE B 484 -23.17 7.19 -18.95
C ILE B 484 -24.62 6.72 -18.76
N SER B 485 -25.08 5.83 -19.66
CA SER B 485 -26.39 5.22 -19.53
CA SER B 485 -26.40 5.22 -19.53
C SER B 485 -26.56 4.52 -18.17
N ASN B 486 -25.53 3.76 -17.77
CA ASN B 486 -25.53 3.06 -16.48
C ASN B 486 -25.70 4.03 -15.32
N PHE B 487 -24.99 5.15 -15.39
CA PHE B 487 -25.10 6.21 -14.37
C PHE B 487 -26.56 6.73 -14.26
N MET B 488 -27.11 7.16 -15.40
CA MET B 488 -28.42 7.81 -15.42
C MET B 488 -29.53 6.90 -14.93
N SER B 489 -29.39 5.60 -15.17
CA SER B 489 -30.41 4.61 -14.84
C SER B 489 -30.10 3.79 -13.57
N ASP B 490 -28.99 4.09 -12.89
CA ASP B 490 -28.58 3.27 -11.75
C ASP B 490 -29.65 3.23 -10.66
N PRO B 491 -30.01 2.02 -10.19
CA PRO B 491 -31.04 1.90 -9.13
C PRO B 491 -30.64 2.61 -7.82
N VAL B 492 -29.36 2.93 -7.63
CA VAL B 492 -28.94 3.58 -6.37
C VAL B 492 -29.59 4.97 -6.17
N HIS B 493 -29.91 5.66 -7.27
CA HIS B 493 -30.47 7.00 -7.15
C HIS B 493 -31.84 6.99 -6.44
N GLY B 494 -32.73 6.09 -6.86
CA GLY B 494 -34.02 5.91 -6.17
C GLY B 494 -33.79 5.46 -4.73
N ALA B 495 -32.82 4.56 -4.52
CA ALA B 495 -32.52 4.07 -3.17
C ALA B 495 -32.05 5.18 -2.24
N ILE B 496 -31.23 6.09 -2.76
CA ILE B 496 -30.76 7.23 -1.99
C ILE B 496 -31.95 8.11 -1.57
N GLU B 497 -32.91 8.29 -2.48
CA GLU B 497 -34.11 9.11 -2.18
C GLU B 497 -34.84 8.49 -1.00
N VAL B 498 -35.05 7.18 -1.05
CA VAL B 498 -35.70 6.45 0.04
C VAL B 498 -34.91 6.53 1.37
N CYS B 499 -33.61 6.27 1.31
CA CYS B 499 -32.76 6.35 2.51
C CYS B 499 -32.68 7.75 3.10
N ALA B 500 -32.61 8.72 2.20
CA ALA B 500 -32.49 10.12 2.55
C ALA B 500 -33.65 10.55 3.46
N GLU B 501 -34.81 9.92 3.24
CA GLU B 501 -36.02 10.22 4.00
CA GLU B 501 -36.02 10.23 4.00
C GLU B 501 -35.98 9.68 5.43
N LEU B 502 -35.02 8.82 5.72
CA LEU B 502 -34.86 8.29 7.07
C LEU B 502 -33.82 9.10 7.86
N ARG B 503 -33.31 10.17 7.25
CA ARG B 503 -32.33 11.03 7.93
C ARG B 503 -33.01 11.76 9.07
N PRO B 504 -32.24 12.08 10.13
CA PRO B 504 -32.74 12.82 11.30
C PRO B 504 -33.52 14.10 10.93
#